data_4Q6R
#
_entry.id   4Q6R
#
_cell.length_a   127.985
_cell.length_b   130.532
_cell.length_c   68.224
_cell.angle_alpha   90.00
_cell.angle_beta   90.00
_cell.angle_gamma   90.00
#
_symmetry.space_group_name_H-M   'P 21 21 2'
#
loop_
_entity.id
_entity.type
_entity.pdbx_description
1 polymer 'Sphingosine-1-phosphate lyase 1'
2 non-polymer 'SUCCINIC ACID'
3 non-polymer GLYCEROL
4 non-polymer 6-[(2R)-4-(4-benzyl-7-chlorophthalazin-1-yl)-2-methylpiperazin-1-yl]pyridine-3-carbonitrile
5 non-polymer 'PHOSPHATE ION'
6 water water
#
_entity_poly.entity_id   1
_entity_poly.type   'polypeptide(L)'
_entity_poly.pdbx_seq_one_letter_code
;GPGSQPESLWSRFKKKCFKLTRKMPIIGRKIQDKLNKTKDDISKNMSFLKVDKEYVKALPSQGLSSSAVLEKLKEYSSMD
AFWQEGRASGTVYSGEEKLTELLVKAYGDFAWSNPLHPDIFPGLRKIEAEIVRIACSLFNGGPDSCGCVTSGGTESILMA
CKAYRDLAFEKGIKTPEIVAPQSAHAAFNKAASYFGMKIVRVPLTKMMEVDVRAMRRAISRNTAMLVCSTPQFPHGVIDP
VPEVAKLAVKYKIPLHVDACLGGFLIVFMEKAGYPLEHPFDFRVKGVTSISADTH(LLP)YGYAPKGSSLVLYSDKKYRN
YQFFVDTDWQGGIYASPTIAGSRPGGISAACWAALMHFGENGYVEATKQIIKTARFLKSELENIKGIFVFGNPQLSVIAL
GSRDFDIYRLSNLMTAKGWNLNQLQFPPSIHFCITLLHARKRVAIQFLKDIRESVTQIMKNPKAKTTGMGAIYGMAQTTV
DRNMVAELSSVFLDSLYSTDTVTQGSQMNGSPKPH
;
_entity_poly.pdbx_strand_id   A,B
#
# COMPACT_ATOMS: atom_id res chain seq x y z
N GLU A 54 17.65 8.49 -23.78
CA GLU A 54 17.26 9.16 -22.52
C GLU A 54 16.53 8.16 -21.58
N TYR A 55 15.59 7.35 -22.10
CA TYR A 55 14.90 6.37 -21.26
C TYR A 55 15.57 5.00 -21.20
N VAL A 56 15.60 4.37 -20.01
CA VAL A 56 16.07 3.00 -19.85
C VAL A 56 14.83 2.17 -20.20
N LYS A 57 14.88 1.35 -21.26
CA LYS A 57 13.72 0.57 -21.71
C LYS A 57 13.89 -0.93 -21.50
N ALA A 58 15.08 -1.34 -21.04
CA ALA A 58 15.38 -2.76 -20.81
C ALA A 58 16.44 -2.89 -19.75
N LEU A 59 16.52 -4.06 -19.12
CA LEU A 59 17.52 -4.38 -18.11
C LEU A 59 18.91 -4.33 -18.80
N PRO A 60 19.91 -3.61 -18.24
CA PRO A 60 21.24 -3.61 -18.90
C PRO A 60 21.82 -5.02 -18.95
N SER A 61 22.58 -5.36 -20.02
CA SER A 61 23.20 -6.69 -20.16
C SER A 61 24.07 -6.98 -18.96
N GLN A 62 24.80 -5.96 -18.52
CA GLN A 62 25.71 -6.01 -17.41
C GLN A 62 25.36 -4.95 -16.37
N GLY A 63 25.16 -5.42 -15.15
CA GLY A 63 24.83 -4.58 -14.01
C GLY A 63 25.88 -3.53 -13.73
N LEU A 64 25.42 -2.33 -13.43
CA LEU A 64 26.23 -1.18 -13.09
C LEU A 64 26.74 -1.35 -11.66
N SER A 65 27.88 -0.75 -11.36
CA SER A 65 28.45 -0.80 -10.01
C SER A 65 27.63 0.12 -9.10
N SER A 66 27.73 -0.08 -7.77
CA SER A 66 27.05 0.74 -6.75
C SER A 66 27.29 2.23 -6.98
N SER A 67 28.54 2.64 -7.25
CA SER A 67 28.89 4.05 -7.48
C SER A 67 28.31 4.59 -8.77
N ALA A 68 28.30 3.77 -9.83
CA ALA A 68 27.71 4.12 -11.14
C ALA A 68 26.18 4.30 -11.00
N VAL A 69 25.52 3.45 -10.20
CA VAL A 69 24.07 3.51 -9.93
C VAL A 69 23.72 4.80 -9.22
N LEU A 70 24.44 5.11 -8.14
CA LEU A 70 24.24 6.34 -7.36
C LEU A 70 24.55 7.60 -8.17
N GLU A 71 25.56 7.55 -9.07
CA GLU A 71 25.90 8.66 -9.96
C GLU A 71 24.73 8.96 -10.89
N LYS A 72 24.13 7.91 -11.49
CA LYS A 72 22.97 8.01 -12.38
C LYS A 72 21.73 8.51 -11.64
N LEU A 73 21.48 8.05 -10.39
CA LEU A 73 20.34 8.48 -9.57
C LEU A 73 20.37 9.97 -9.20
N LYS A 74 21.59 10.56 -9.10
CA LYS A 74 21.79 11.99 -8.79
C LYS A 74 21.23 12.86 -9.92
N GLU A 75 21.30 12.36 -11.15
CA GLU A 75 20.78 13.03 -12.33
C GLU A 75 19.24 13.05 -12.30
N TYR A 76 18.60 11.98 -11.75
CA TYR A 76 17.15 11.90 -11.59
C TYR A 76 16.74 12.81 -10.43
N SER A 77 17.46 12.71 -9.28
CA SER A 77 17.16 13.51 -8.11
C SER A 77 17.37 15.00 -8.35
N SER A 78 18.31 15.37 -9.26
CA SER A 78 18.56 16.77 -9.62
C SER A 78 17.35 17.40 -10.32
N MET A 79 16.48 16.57 -10.96
CA MET A 79 15.26 17.06 -11.60
C MET A 79 14.09 17.22 -10.62
N ASP A 80 14.21 16.61 -9.39
CA ASP A 80 13.27 16.61 -8.27
C ASP A 80 13.68 17.56 -7.15
N ALA A 81 14.36 18.67 -7.47
CA ALA A 81 14.84 19.60 -6.46
C ALA A 81 13.84 20.72 -6.02
N PHE A 82 12.95 21.14 -6.95
CA PHE A 82 11.92 22.19 -6.83
C PHE A 82 11.40 22.55 -5.41
N TRP A 83 10.93 21.55 -4.66
CA TRP A 83 10.35 21.66 -3.32
C TRP A 83 11.26 22.31 -2.26
N GLN A 84 12.59 22.11 -2.37
CA GLN A 84 13.63 22.61 -1.44
C GLN A 84 13.61 24.11 -1.14
N GLU A 85 13.20 24.93 -2.11
CA GLU A 85 13.07 26.38 -1.94
C GLU A 85 11.81 26.77 -1.16
N GLY A 86 10.93 25.79 -0.88
CA GLY A 86 9.69 25.98 -0.12
C GLY A 86 8.60 26.62 -0.95
N ARG A 87 8.54 26.26 -2.22
CA ARG A 87 7.58 26.88 -3.14
C ARG A 87 6.47 25.93 -3.57
N ALA A 88 6.44 24.73 -2.96
CA ALA A 88 5.38 23.76 -3.22
C ALA A 88 4.42 23.65 -2.04
N SER A 89 3.12 23.77 -2.33
CA SER A 89 2.04 23.62 -1.34
C SER A 89 2.06 22.17 -0.85
N GLY A 90 1.99 22.01 0.47
CA GLY A 90 2.03 20.69 1.10
C GLY A 90 3.23 19.90 0.60
N THR A 91 2.97 18.69 0.07
CA THR A 91 3.99 17.82 -0.55
C THR A 91 5.12 17.31 0.38
N VAL A 92 5.97 18.25 0.87
CA VAL A 92 7.09 17.93 1.77
C VAL A 92 6.81 18.67 3.08
N TYR A 93 6.64 17.91 4.15
CA TYR A 93 6.24 18.38 5.46
C TYR A 93 7.33 19.00 6.34
N SER A 94 8.55 18.46 6.26
CA SER A 94 9.71 19.04 6.94
C SER A 94 10.85 19.15 5.95
N GLY A 95 11.34 18.01 5.46
CA GLY A 95 12.45 17.95 4.51
C GLY A 95 13.80 18.37 5.06
N GLU A 96 13.90 18.54 6.40
CA GLU A 96 15.10 18.95 7.13
C GLU A 96 16.16 17.84 7.07
N GLU A 97 17.39 18.23 6.74
CA GLU A 97 18.59 17.39 6.54
C GLU A 97 18.88 16.37 7.65
N LYS A 98 19.04 16.84 8.89
CA LYS A 98 19.36 15.97 10.04
C LYS A 98 18.22 15.03 10.39
N LEU A 99 16.97 15.44 10.16
CA LEU A 99 15.80 14.60 10.38
C LEU A 99 15.81 13.46 9.38
N THR A 100 16.02 13.79 8.08
CA THR A 100 16.10 12.81 6.98
C THR A 100 17.17 11.76 7.24
N GLU A 101 18.38 12.17 7.69
CA GLU A 101 19.50 11.27 7.99
C GLU A 101 19.12 10.25 9.05
N LEU A 102 18.38 10.69 10.10
CA LEU A 102 17.90 9.83 11.18
C LEU A 102 16.87 8.81 10.65
N LEU A 103 15.85 9.30 9.90
CA LEU A 103 14.79 8.45 9.35
C LEU A 103 15.31 7.43 8.32
N VAL A 104 16.33 7.82 7.53
CA VAL A 104 16.97 6.90 6.56
C VAL A 104 17.74 5.77 7.30
N LYS A 105 18.43 6.12 8.41
CA LYS A 105 19.15 5.17 9.27
C LYS A 105 18.18 4.23 9.95
N ALA A 106 17.03 4.77 10.43
CA ALA A 106 15.97 4.01 11.11
C ALA A 106 15.36 2.99 10.15
N TYR A 107 15.09 3.42 8.89
CA TYR A 107 14.60 2.57 7.78
C TYR A 107 15.61 1.46 7.46
N GLY A 108 16.88 1.83 7.29
CA GLY A 108 17.99 0.91 7.00
C GLY A 108 18.17 -0.19 8.01
N ASP A 109 18.02 0.12 9.31
CA ASP A 109 18.12 -0.84 10.43
C ASP A 109 17.04 -1.94 10.32
N PHE A 110 15.91 -1.65 9.63
CA PHE A 110 14.76 -2.56 9.46
C PHE A 110 14.41 -2.80 7.99
N ALA A 111 15.36 -2.49 7.06
CA ALA A 111 15.19 -2.63 5.61
C ALA A 111 14.52 -3.93 5.14
N TRP A 112 14.93 -5.09 5.66
CA TRP A 112 14.38 -6.39 5.27
C TRP A 112 13.25 -6.92 6.13
N SER A 113 12.87 -6.16 7.18
CA SER A 113 11.78 -6.56 8.06
C SER A 113 10.42 -6.44 7.34
N ASN A 114 9.59 -7.46 7.50
CA ASN A 114 8.30 -7.62 6.87
C ASN A 114 7.26 -8.03 7.93
N PRO A 115 6.30 -7.14 8.28
CA PRO A 115 5.29 -7.48 9.32
C PRO A 115 4.31 -8.63 9.00
N LEU A 116 4.43 -9.24 7.81
CA LEU A 116 3.65 -10.40 7.39
C LEU A 116 4.16 -11.63 8.20
N HIS A 117 5.40 -11.53 8.72
CA HIS A 117 6.09 -12.55 9.51
C HIS A 117 6.39 -12.01 10.92
N PRO A 118 5.37 -11.92 11.83
CA PRO A 118 5.63 -11.39 13.18
C PRO A 118 6.55 -12.28 14.03
N ASP A 119 6.61 -13.59 13.69
CA ASP A 119 7.46 -14.60 14.34
C ASP A 119 8.94 -14.37 14.01
N ILE A 120 9.24 -13.90 12.78
CA ILE A 120 10.61 -13.60 12.33
C ILE A 120 10.99 -12.21 12.81
N PHE A 121 10.04 -11.25 12.80
CA PHE A 121 10.33 -9.87 13.21
C PHE A 121 9.48 -9.38 14.43
N PRO A 122 9.73 -9.93 15.65
CA PRO A 122 8.93 -9.48 16.82
C PRO A 122 9.19 -8.05 17.29
N GLY A 123 10.35 -7.50 16.92
CA GLY A 123 10.74 -6.13 17.25
C GLY A 123 9.92 -5.11 16.50
N LEU A 124 9.69 -5.36 15.20
CA LEU A 124 8.88 -4.52 14.32
C LEU A 124 7.41 -4.57 14.76
N ARG A 125 6.96 -5.76 15.16
CA ARG A 125 5.62 -6.04 15.66
C ARG A 125 5.38 -5.17 16.93
N LYS A 126 6.41 -5.06 17.80
CA LYS A 126 6.37 -4.22 19.00
C LYS A 126 6.30 -2.71 18.59
N ILE A 127 7.13 -2.28 17.60
CA ILE A 127 7.17 -0.91 17.05
C ILE A 127 5.77 -0.46 16.57
N GLU A 128 5.10 -1.32 15.79
CA GLU A 128 3.78 -1.03 15.21
C GLU A 128 2.66 -0.95 16.26
N ALA A 129 2.72 -1.83 17.28
CA ALA A 129 1.77 -1.86 18.41
C ALA A 129 1.89 -0.54 19.18
N GLU A 130 3.13 -0.05 19.33
CA GLU A 130 3.42 1.21 20.01
C GLU A 130 2.99 2.45 19.24
N ILE A 131 3.21 2.50 17.90
CA ILE A 131 2.79 3.65 17.07
C ILE A 131 1.28 3.87 17.25
N VAL A 132 0.50 2.78 17.19
CA VAL A 132 -0.95 2.73 17.32
C VAL A 132 -1.39 3.23 18.71
N ARG A 133 -0.73 2.71 19.78
CA ARG A 133 -1.04 3.09 21.16
C ARG A 133 -0.73 4.57 21.43
N ILE A 134 0.41 5.08 20.92
CA ILE A 134 0.77 6.49 21.01
C ILE A 134 -0.34 7.36 20.38
N ALA A 135 -0.83 6.98 19.18
CA ALA A 135 -1.88 7.69 18.42
C ALA A 135 -3.23 7.67 19.12
N CYS A 136 -3.66 6.51 19.65
CA CYS A 136 -4.91 6.36 20.42
C CYS A 136 -4.89 7.35 21.61
N SER A 137 -3.75 7.43 22.34
CA SER A 137 -3.55 8.36 23.46
C SER A 137 -3.63 9.81 23.02
N LEU A 138 -3.07 10.16 21.84
CA LEU A 138 -3.13 11.53 21.33
C LEU A 138 -4.56 11.92 20.99
N PHE A 139 -5.39 10.94 20.54
CA PHE A 139 -6.79 11.19 20.21
C PHE A 139 -7.74 10.91 21.37
N ASN A 140 -7.17 10.68 22.58
CA ASN A 140 -7.88 10.45 23.83
C ASN A 140 -8.82 9.27 23.78
N GLY A 141 -8.32 8.18 23.20
CA GLY A 141 -9.08 6.96 23.01
C GLY A 141 -9.44 6.16 24.25
N GLY A 142 -8.48 5.97 25.14
CA GLY A 142 -8.71 5.15 26.32
C GLY A 142 -8.35 3.69 26.09
N PRO A 143 -8.54 2.80 27.10
CA PRO A 143 -8.13 1.39 26.94
C PRO A 143 -8.87 0.57 25.88
N ASP A 144 -10.14 0.92 25.58
CA ASP A 144 -10.91 0.19 24.58
C ASP A 144 -10.54 0.53 23.13
N SER A 145 -9.95 1.73 22.91
CA SER A 145 -9.52 2.18 21.60
C SER A 145 -8.38 1.31 21.05
N CYS A 146 -8.31 1.22 19.72
CA CYS A 146 -7.32 0.39 19.01
C CYS A 146 -7.05 0.99 17.63
N GLY A 147 -6.25 0.31 16.84
CA GLY A 147 -5.94 0.75 15.49
C GLY A 147 -4.96 -0.12 14.73
N CYS A 148 -4.61 0.36 13.54
CA CYS A 148 -3.71 -0.28 12.59
C CYS A 148 -2.82 0.75 11.95
N VAL A 149 -1.61 0.34 11.61
CA VAL A 149 -0.67 1.13 10.82
C VAL A 149 -1.05 0.80 9.37
N THR A 150 -1.11 1.82 8.51
CA THR A 150 -1.45 1.68 7.08
C THR A 150 -0.36 2.38 6.25
N SER A 151 -0.43 2.23 4.92
CA SER A 151 0.51 2.82 3.97
C SER A 151 0.21 4.31 3.65
N GLY A 152 -0.91 4.81 4.11
CA GLY A 152 -1.32 6.18 3.81
C GLY A 152 -2.76 6.45 4.15
N GLY A 153 -3.14 7.72 4.05
CA GLY A 153 -4.48 8.18 4.36
C GLY A 153 -5.58 7.48 3.58
N THR A 154 -5.33 7.18 2.29
CA THR A 154 -6.25 6.45 1.41
C THR A 154 -6.57 5.09 2.03
N GLU A 155 -5.52 4.32 2.40
CA GLU A 155 -5.68 2.99 3.02
C GLU A 155 -6.44 3.06 4.35
N SER A 156 -6.12 4.06 5.19
CA SER A 156 -6.82 4.31 6.47
C SER A 156 -8.31 4.54 6.24
N ILE A 157 -8.67 5.34 5.22
CA ILE A 157 -10.06 5.62 4.85
C ILE A 157 -10.73 4.36 4.28
N LEU A 158 -10.06 3.66 3.34
CA LEU A 158 -10.59 2.43 2.70
C LEU A 158 -10.89 1.34 3.74
N MET A 159 -9.99 1.14 4.73
CA MET A 159 -10.13 0.17 5.81
C MET A 159 -11.36 0.46 6.68
N ALA A 160 -11.58 1.74 7.04
CA ALA A 160 -12.76 2.14 7.84
C ALA A 160 -14.04 1.91 7.05
N CYS A 161 -14.08 2.36 5.77
CA CYS A 161 -15.22 2.19 4.88
C CYS A 161 -15.56 0.71 4.71
N LYS A 162 -14.52 -0.15 4.56
CA LYS A 162 -14.66 -1.59 4.39
C LYS A 162 -15.23 -2.24 5.66
N ALA A 163 -14.75 -1.83 6.84
CA ALA A 163 -15.22 -2.29 8.15
C ALA A 163 -16.69 -1.94 8.33
N TYR A 164 -17.06 -0.68 8.00
CA TYR A 164 -18.45 -0.22 8.12
C TYR A 164 -19.40 -0.87 7.12
N ARG A 165 -18.88 -1.25 5.92
CA ARG A 165 -19.68 -1.95 4.91
C ARG A 165 -20.04 -3.36 5.41
N ASP A 166 -19.04 -4.09 5.94
CA ASP A 166 -19.19 -5.45 6.49
C ASP A 166 -20.10 -5.48 7.70
N LEU A 167 -20.07 -4.43 8.55
CA LEU A 167 -20.96 -4.30 9.70
C LEU A 167 -22.39 -4.09 9.17
N ALA A 168 -22.56 -3.24 8.12
CA ALA A 168 -23.88 -2.96 7.49
C ALA A 168 -24.48 -4.21 6.83
N PHE A 169 -23.65 -5.03 6.14
CA PHE A 169 -24.04 -6.30 5.52
C PHE A 169 -24.65 -7.24 6.56
N GLU A 170 -23.95 -7.39 7.69
CA GLU A 170 -24.33 -8.21 8.83
C GLU A 170 -25.70 -7.82 9.38
N LYS A 171 -26.10 -6.55 9.20
CA LYS A 171 -27.37 -5.98 9.64
C LYS A 171 -28.47 -6.08 8.59
N GLY A 172 -28.17 -6.65 7.42
CA GLY A 172 -29.13 -6.82 6.33
C GLY A 172 -29.19 -5.74 5.27
N ILE A 173 -28.29 -4.74 5.36
CA ILE A 173 -28.20 -3.68 4.35
C ILE A 173 -27.45 -4.27 3.13
N LYS A 174 -28.14 -4.34 1.98
CA LYS A 174 -27.59 -4.92 0.74
C LYS A 174 -26.61 -3.97 0.05
N THR A 175 -26.98 -2.69 -0.09
CA THR A 175 -26.09 -1.70 -0.69
C THR A 175 -25.77 -0.58 0.33
N PRO A 176 -24.74 -0.81 1.20
CA PRO A 176 -24.41 0.18 2.25
C PRO A 176 -24.00 1.53 1.69
N GLU A 177 -24.45 2.62 2.33
CA GLU A 177 -24.17 3.98 1.87
C GLU A 177 -23.21 4.74 2.77
N ILE A 178 -22.37 5.58 2.14
CA ILE A 178 -21.48 6.51 2.82
C ILE A 178 -22.16 7.86 2.71
N VAL A 179 -22.39 8.54 3.86
CA VAL A 179 -22.94 9.89 3.89
C VAL A 179 -21.79 10.79 4.33
N ALA A 180 -21.30 11.61 3.39
CA ALA A 180 -20.14 12.45 3.59
C ALA A 180 -20.35 13.89 3.07
N PRO A 181 -19.61 14.88 3.61
CA PRO A 181 -19.69 16.24 3.06
C PRO A 181 -19.12 16.27 1.65
N GLN A 182 -19.49 17.27 0.83
CA GLN A 182 -18.96 17.44 -0.53
C GLN A 182 -17.43 17.51 -0.54
N SER A 183 -16.87 18.07 0.52
CA SER A 183 -15.45 18.34 0.74
C SER A 183 -14.61 17.13 1.14
N ALA A 184 -15.25 16.01 1.55
CA ALA A 184 -14.57 14.76 1.98
C ALA A 184 -13.53 14.31 0.93
N HIS A 185 -12.44 13.65 1.36
CA HIS A 185 -11.37 13.25 0.43
C HIS A 185 -11.86 12.38 -0.72
N ALA A 186 -11.19 12.48 -1.90
CA ALA A 186 -11.44 11.66 -3.09
C ALA A 186 -11.42 10.15 -2.77
N ALA A 187 -10.66 9.73 -1.72
CA ALA A 187 -10.54 8.35 -1.21
C ALA A 187 -11.87 7.76 -0.79
N PHE A 188 -12.84 8.62 -0.39
CA PHE A 188 -14.20 8.15 -0.07
C PHE A 188 -14.91 7.68 -1.33
N ASN A 189 -14.60 8.29 -2.50
CA ASN A 189 -15.13 7.85 -3.79
C ASN A 189 -14.43 6.57 -4.25
N LYS A 190 -13.13 6.45 -3.96
CA LYS A 190 -12.35 5.25 -4.25
C LYS A 190 -12.95 4.06 -3.47
N ALA A 191 -13.37 4.30 -2.22
CA ALA A 191 -14.01 3.32 -1.32
C ALA A 191 -15.35 2.86 -1.86
N ALA A 192 -16.16 3.82 -2.36
CA ALA A 192 -17.47 3.54 -2.92
C ALA A 192 -17.30 2.62 -4.13
N SER A 193 -16.44 3.02 -5.07
CA SER A 193 -16.09 2.30 -6.30
C SER A 193 -15.49 0.90 -6.02
N TYR A 194 -14.47 0.79 -5.16
CA TYR A 194 -13.83 -0.49 -4.84
C TYR A 194 -14.77 -1.47 -4.13
N PHE A 195 -15.39 -1.00 -3.02
CA PHE A 195 -16.22 -1.83 -2.12
C PHE A 195 -17.69 -2.02 -2.45
N GLY A 196 -18.18 -1.37 -3.50
CA GLY A 196 -19.58 -1.49 -3.90
C GLY A 196 -20.54 -0.82 -2.93
N MET A 197 -20.15 0.40 -2.49
CA MET A 197 -20.93 1.23 -1.61
C MET A 197 -21.44 2.44 -2.39
N LYS A 198 -22.57 2.98 -1.96
CA LYS A 198 -23.14 4.18 -2.56
C LYS A 198 -22.59 5.37 -1.77
N ILE A 199 -22.15 6.42 -2.46
CA ILE A 199 -21.67 7.62 -1.81
C ILE A 199 -22.63 8.79 -2.03
N VAL A 200 -23.12 9.36 -0.92
CA VAL A 200 -24.01 10.53 -0.90
C VAL A 200 -23.16 11.72 -0.37
N ARG A 201 -22.86 12.68 -1.26
CA ARG A 201 -22.07 13.87 -0.90
C ARG A 201 -22.99 15.04 -0.57
N VAL A 202 -23.01 15.44 0.69
CA VAL A 202 -23.91 16.49 1.18
C VAL A 202 -23.34 17.91 1.01
N PRO A 203 -24.17 18.91 0.57
CA PRO A 203 -23.63 20.27 0.35
C PRO A 203 -23.06 20.96 1.58
N LEU A 204 -22.25 21.99 1.34
CA LEU A 204 -21.62 22.73 2.42
C LEU A 204 -22.35 24.03 2.67
N THR A 205 -22.11 24.65 3.84
CA THR A 205 -22.62 25.97 4.23
C THR A 205 -21.72 27.01 3.52
N LYS A 206 -22.05 28.32 3.64
CA LYS A 206 -21.24 29.42 3.10
C LYS A 206 -19.82 29.44 3.72
N MET A 207 -19.64 28.85 4.93
CA MET A 207 -18.40 28.75 5.68
C MET A 207 -17.57 27.49 5.35
N MET A 208 -18.00 26.73 4.30
CA MET A 208 -17.35 25.52 3.76
C MET A 208 -17.36 24.32 4.74
N GLU A 209 -18.33 24.35 5.65
CA GLU A 209 -18.57 23.30 6.63
C GLU A 209 -19.72 22.48 6.06
N VAL A 210 -19.79 21.18 6.41
CA VAL A 210 -20.91 20.33 6.02
C VAL A 210 -22.21 20.93 6.64
N ASP A 211 -23.25 21.07 5.81
CA ASP A 211 -24.56 21.52 6.24
C ASP A 211 -25.16 20.30 6.98
N VAL A 212 -25.22 20.39 8.31
CA VAL A 212 -25.71 19.35 9.22
C VAL A 212 -27.21 19.01 9.00
N ARG A 213 -28.05 20.01 8.60
CA ARG A 213 -29.48 19.79 8.32
C ARG A 213 -29.60 18.91 7.08
N ALA A 214 -28.79 19.21 6.05
CA ALA A 214 -28.72 18.47 4.78
C ALA A 214 -28.17 17.06 4.95
N MET A 215 -27.27 16.86 5.95
CA MET A 215 -26.70 15.55 6.26
C MET A 215 -27.75 14.68 6.90
N ARG A 216 -28.52 15.25 7.87
CA ARG A 216 -29.63 14.58 8.57
C ARG A 216 -30.65 14.10 7.51
N ARG A 217 -31.03 14.96 6.56
CA ARG A 217 -31.94 14.63 5.46
C ARG A 217 -31.40 13.57 4.48
N ALA A 218 -30.08 13.29 4.49
CA ALA A 218 -29.47 12.30 3.61
C ALA A 218 -29.36 10.93 4.26
N ILE A 219 -29.47 10.87 5.59
CA ILE A 219 -29.42 9.61 6.34
C ILE A 219 -30.64 8.74 5.94
N SER A 220 -30.41 7.44 5.76
CA SER A 220 -31.44 6.47 5.40
C SER A 220 -31.18 5.13 6.12
N ARG A 221 -32.08 4.14 5.88
CA ARG A 221 -31.98 2.79 6.43
C ARG A 221 -30.73 2.05 5.88
N ASN A 222 -30.16 2.60 4.78
CA ASN A 222 -28.98 2.10 4.06
C ASN A 222 -27.66 2.67 4.54
N THR A 223 -27.70 3.81 5.26
CA THR A 223 -26.49 4.48 5.77
C THR A 223 -25.64 3.56 6.64
N ALA A 224 -24.39 3.33 6.19
CA ALA A 224 -23.39 2.48 6.85
C ALA A 224 -22.45 3.32 7.69
N MET A 225 -22.24 4.60 7.29
CA MET A 225 -21.31 5.51 7.99
C MET A 225 -21.54 6.96 7.66
N LEU A 226 -21.14 7.81 8.61
CA LEU A 226 -21.15 9.27 8.49
C LEU A 226 -19.69 9.69 8.44
N VAL A 227 -19.40 10.79 7.76
CA VAL A 227 -18.03 11.30 7.65
C VAL A 227 -17.97 12.78 7.94
N CYS A 228 -16.86 13.22 8.50
CA CYS A 228 -16.50 14.62 8.61
C CYS A 228 -14.97 14.77 8.72
N SER A 229 -14.46 15.95 8.40
CA SER A 229 -13.02 16.14 8.30
C SER A 229 -12.49 17.20 9.23
N THR A 230 -11.31 16.93 9.80
CA THR A 230 -10.63 17.81 10.74
C THR A 230 -9.18 18.16 10.28
N PRO A 231 -8.97 18.99 9.24
CA PRO A 231 -9.96 19.66 8.40
C PRO A 231 -10.14 18.99 7.03
N GLN A 232 -11.11 19.48 6.24
CA GLN A 232 -11.25 19.05 4.86
C GLN A 232 -10.10 19.68 4.08
N PHE A 233 -9.52 18.95 3.12
CA PHE A 233 -8.38 19.40 2.33
C PHE A 233 -8.67 20.65 1.49
N PRO A 234 -9.77 20.75 0.70
CA PRO A 234 -9.95 21.94 -0.16
C PRO A 234 -9.78 23.29 0.52
N HIS A 235 -10.55 23.56 1.59
CA HIS A 235 -10.54 24.85 2.27
C HIS A 235 -9.93 24.89 3.68
N GLY A 236 -9.48 23.73 4.17
CA GLY A 236 -8.83 23.65 5.47
C GLY A 236 -9.71 24.04 6.64
N VAL A 237 -11.04 23.81 6.46
CA VAL A 237 -12.12 24.10 7.38
C VAL A 237 -12.41 22.83 8.20
N ILE A 238 -12.58 22.98 9.52
CA ILE A 238 -12.90 21.87 10.41
C ILE A 238 -14.42 21.68 10.43
N ASP A 239 -14.89 20.46 10.09
CA ASP A 239 -16.31 20.12 10.13
C ASP A 239 -16.84 20.09 11.57
N PRO A 240 -18.12 20.43 11.82
CA PRO A 240 -18.65 20.39 13.20
C PRO A 240 -18.85 18.98 13.74
N VAL A 241 -17.76 18.37 14.20
CA VAL A 241 -17.70 17.00 14.74
C VAL A 241 -18.80 16.75 15.79
N PRO A 242 -18.96 17.59 16.87
CA PRO A 242 -20.01 17.30 17.87
C PRO A 242 -21.43 17.26 17.32
N GLU A 243 -21.75 18.14 16.35
CA GLU A 243 -23.06 18.21 15.71
C GLU A 243 -23.33 16.98 14.82
N VAL A 244 -22.30 16.52 14.06
CA VAL A 244 -22.37 15.33 13.22
C VAL A 244 -22.45 14.09 14.14
N ALA A 245 -21.69 14.09 15.27
CA ALA A 245 -21.72 12.98 16.22
C ALA A 245 -23.08 12.83 16.90
N LYS A 246 -23.84 13.95 17.05
CA LYS A 246 -25.20 13.94 17.59
C LYS A 246 -26.11 13.12 16.66
N LEU A 247 -25.92 13.25 15.32
CA LEU A 247 -26.66 12.50 14.30
C LEU A 247 -26.25 11.02 14.37
N ALA A 248 -24.94 10.77 14.51
CA ALA A 248 -24.37 9.43 14.62
C ALA A 248 -24.95 8.66 15.81
N VAL A 249 -25.06 9.34 16.98
CA VAL A 249 -25.63 8.77 18.22
C VAL A 249 -27.13 8.50 18.09
N LYS A 250 -27.91 9.48 17.60
CA LYS A 250 -29.36 9.40 17.43
C LYS A 250 -29.76 8.29 16.46
N TYR A 251 -29.11 8.26 15.30
CA TYR A 251 -29.44 7.28 14.28
C TYR A 251 -28.67 5.98 14.36
N LYS A 252 -27.81 5.84 15.40
CA LYS A 252 -27.00 4.65 15.68
C LYS A 252 -26.17 4.22 14.44
N ILE A 253 -25.45 5.19 13.86
CA ILE A 253 -24.62 5.04 12.66
C ILE A 253 -23.16 5.33 13.04
N PRO A 254 -22.17 4.52 12.59
CA PRO A 254 -20.76 4.85 12.89
C PRO A 254 -20.34 6.18 12.28
N LEU A 255 -19.39 6.86 12.93
CA LEU A 255 -18.87 8.11 12.41
C LEU A 255 -17.36 8.06 12.27
N HIS A 256 -16.89 8.29 11.02
CA HIS A 256 -15.47 8.35 10.71
C HIS A 256 -15.02 9.80 10.66
N VAL A 257 -13.98 10.11 11.43
CA VAL A 257 -13.39 11.44 11.43
C VAL A 257 -12.11 11.40 10.58
N ASP A 258 -12.11 12.12 9.46
CA ASP A 258 -10.90 12.16 8.63
C ASP A 258 -9.94 13.25 9.13
N ALA A 259 -8.94 12.84 9.92
CA ALA A 259 -7.93 13.76 10.44
C ALA A 259 -6.59 13.43 9.74
N CYS A 260 -6.64 12.92 8.49
CA CYS A 260 -5.42 12.57 7.75
C CYS A 260 -4.53 13.78 7.67
N LEU A 261 -5.08 14.91 7.23
CA LEU A 261 -4.32 16.15 7.15
C LEU A 261 -4.07 16.80 8.53
N GLY A 262 -5.12 17.07 9.30
CA GLY A 262 -5.04 17.76 10.59
C GLY A 262 -4.49 17.06 11.80
N GLY A 263 -4.59 15.74 11.82
CA GLY A 263 -4.21 14.85 12.91
C GLY A 263 -3.10 15.28 13.84
N PHE A 264 -1.89 15.43 13.27
CA PHE A 264 -0.68 15.78 14.01
C PHE A 264 -0.43 17.26 14.22
N LEU A 265 -1.48 18.07 14.05
CA LEU A 265 -1.58 19.51 14.33
C LEU A 265 -2.68 19.67 15.41
N ILE A 266 -3.92 19.20 15.12
CA ILE A 266 -5.11 19.34 15.99
C ILE A 266 -4.92 18.86 17.41
N VAL A 267 -4.25 17.73 17.54
CA VAL A 267 -3.93 17.04 18.78
C VAL A 267 -2.98 17.87 19.68
N PHE A 268 -2.21 18.82 19.08
CA PHE A 268 -1.26 19.67 19.78
C PHE A 268 -1.69 21.13 19.90
N MET A 269 -2.86 21.50 19.33
CA MET A 269 -3.41 22.87 19.33
C MET A 269 -3.55 23.54 20.69
N GLU A 270 -4.12 22.82 21.67
CA GLU A 270 -4.32 23.33 23.03
C GLU A 270 -2.98 23.62 23.74
N LYS A 271 -2.02 22.65 23.68
CA LYS A 271 -0.69 22.81 24.29
C LYS A 271 0.14 23.90 23.61
N ALA A 272 -0.12 24.19 22.31
CA ALA A 272 0.58 25.21 21.53
C ALA A 272 0.02 26.61 21.79
N GLY A 273 -1.05 26.69 22.57
CA GLY A 273 -1.69 27.96 22.93
C GLY A 273 -2.72 28.44 21.93
N TYR A 274 -3.18 27.53 21.06
CA TYR A 274 -4.24 27.80 20.08
C TYR A 274 -5.37 26.78 20.27
N PRO A 275 -6.04 26.71 21.46
CA PRO A 275 -7.10 25.70 21.63
C PRO A 275 -8.24 25.90 20.64
N LEU A 276 -8.83 24.80 20.18
CA LEU A 276 -9.93 24.89 19.23
C LEU A 276 -11.23 25.09 19.99
N GLU A 277 -12.24 25.68 19.33
CA GLU A 277 -13.53 25.97 19.96
C GLU A 277 -14.34 24.75 20.34
N HIS A 278 -14.23 23.65 19.59
CA HIS A 278 -14.99 22.44 19.87
C HIS A 278 -14.13 21.18 19.93
N PRO A 279 -14.58 20.13 20.67
CA PRO A 279 -13.81 18.86 20.64
C PRO A 279 -13.93 18.18 19.27
N PHE A 280 -13.01 17.28 18.98
CA PHE A 280 -12.95 16.62 17.67
C PHE A 280 -12.56 15.16 17.74
N ASP A 281 -12.15 14.65 18.94
CA ASP A 281 -11.60 13.30 19.03
C ASP A 281 -12.48 12.21 19.67
N PHE A 282 -11.85 11.15 20.23
CA PHE A 282 -12.58 10.03 20.86
C PHE A 282 -13.41 10.42 22.09
N ARG A 283 -13.18 11.62 22.64
CA ARG A 283 -13.95 12.19 23.76
C ARG A 283 -15.34 12.60 23.28
N VAL A 284 -15.52 12.79 21.96
CA VAL A 284 -16.82 13.07 21.34
C VAL A 284 -17.57 11.73 21.19
N LYS A 285 -18.69 11.56 21.91
CA LYS A 285 -19.53 10.37 21.88
C LYS A 285 -20.15 10.23 20.48
N GLY A 286 -19.90 9.09 19.85
CA GLY A 286 -20.36 8.80 18.50
C GLY A 286 -19.24 8.59 17.52
N VAL A 287 -18.07 9.21 17.76
CA VAL A 287 -16.86 9.07 16.91
C VAL A 287 -16.35 7.64 17.09
N THR A 288 -16.46 6.84 16.03
CA THR A 288 -16.07 5.43 16.06
C THR A 288 -14.72 5.13 15.43
N SER A 289 -14.27 6.01 14.49
CA SER A 289 -12.95 5.87 13.85
C SER A 289 -12.34 7.20 13.48
N ILE A 290 -11.01 7.22 13.46
CA ILE A 290 -10.21 8.40 13.09
C ILE A 290 -9.07 7.92 12.22
N SER A 291 -8.82 8.62 11.11
CA SER A 291 -7.68 8.37 10.23
C SER A 291 -6.72 9.55 10.47
N ALA A 292 -5.41 9.28 10.58
CA ALA A 292 -4.44 10.36 10.83
C ALA A 292 -3.15 10.01 10.15
N ASP A 293 -2.59 10.96 9.40
CA ASP A 293 -1.37 10.72 8.64
C ASP A 293 -0.10 11.11 9.33
N THR A 294 0.68 10.11 9.74
CA THR A 294 2.01 10.33 10.33
C THR A 294 2.95 10.91 9.25
N HIS A 295 2.79 10.51 7.98
CA HIS A 295 3.59 11.01 6.85
C HIS A 295 3.36 12.49 6.57
N TYR A 297 1.90 15.79 9.17
CA TYR A 297 2.39 16.55 10.32
C TYR A 297 3.05 15.76 11.45
N GLY A 298 3.25 14.48 11.23
CA GLY A 298 4.01 13.63 12.14
C GLY A 298 5.48 13.64 11.74
N TYR A 299 5.76 14.14 10.49
CA TYR A 299 7.08 14.26 9.85
C TYR A 299 7.76 12.90 9.59
N ALA A 300 6.94 11.85 9.58
CA ALA A 300 7.35 10.48 9.32
C ALA A 300 7.56 10.28 7.79
N PRO A 301 8.30 9.24 7.38
CA PRO A 301 8.48 9.00 5.94
C PRO A 301 7.18 8.75 5.22
N LYS A 302 7.14 9.00 3.90
CA LYS A 302 5.98 8.68 3.05
C LYS A 302 5.77 7.17 3.16
N GLY A 303 4.50 6.74 3.14
CA GLY A 303 4.12 5.35 3.28
C GLY A 303 3.65 4.96 4.68
N SER A 304 3.28 5.95 5.52
CA SER A 304 2.85 5.73 6.90
C SER A 304 1.60 6.55 7.29
N SER A 305 0.61 5.88 7.89
CA SER A 305 -0.63 6.48 8.37
C SER A 305 -1.27 5.55 9.39
N LEU A 306 -2.40 5.99 9.98
CA LEU A 306 -3.12 5.23 10.99
C LEU A 306 -4.60 5.30 10.79
N VAL A 307 -5.27 4.19 11.12
CA VAL A 307 -6.72 4.07 11.22
C VAL A 307 -6.94 3.65 12.68
N LEU A 308 -7.69 4.47 13.43
CA LEU A 308 -7.96 4.24 14.85
C LEU A 308 -9.44 3.99 15.06
N TYR A 309 -9.77 3.07 15.95
CA TYR A 309 -11.18 2.76 16.27
C TYR A 309 -11.46 2.97 17.77
N SER A 310 -12.71 3.32 18.10
CA SER A 310 -13.13 3.54 19.48
C SER A 310 -13.24 2.20 20.23
N ASP A 311 -13.42 1.09 19.48
CA ASP A 311 -13.60 -0.26 19.99
C ASP A 311 -13.09 -1.30 18.99
N LYS A 312 -12.56 -2.43 19.52
CA LYS A 312 -12.07 -3.59 18.75
C LYS A 312 -13.21 -4.19 17.91
N LYS A 313 -14.45 -4.07 18.38
CA LYS A 313 -15.62 -4.59 17.66
C LYS A 313 -15.73 -4.00 16.26
N TYR A 314 -15.29 -2.75 16.07
CA TYR A 314 -15.31 -2.10 14.76
C TYR A 314 -14.15 -2.57 13.90
N ARG A 315 -12.92 -2.58 14.48
CA ARG A 315 -11.70 -3.01 13.78
C ARG A 315 -11.78 -4.42 13.20
N ASN A 316 -12.45 -5.37 13.90
CA ASN A 316 -12.62 -6.78 13.46
C ASN A 316 -13.20 -6.89 12.06
N TYR A 317 -14.12 -5.98 11.69
CA TYR A 317 -14.74 -5.97 10.37
C TYR A 317 -13.76 -5.55 9.26
N GLN A 318 -12.63 -4.85 9.59
CA GLN A 318 -11.66 -4.49 8.56
C GLN A 318 -10.75 -5.68 8.20
N PHE A 319 -10.51 -6.59 9.17
CA PHE A 319 -9.65 -7.77 8.99
C PHE A 319 -10.03 -8.69 7.83
N PHE A 320 -9.01 -9.28 7.19
CA PHE A 320 -9.20 -10.30 6.16
C PHE A 320 -8.68 -11.63 6.71
N VAL A 321 -9.48 -12.68 6.57
CA VAL A 321 -9.10 -14.02 7.00
C VAL A 321 -9.43 -15.06 5.90
N ASP A 322 -8.47 -15.95 5.56
CA ASP A 322 -8.65 -17.10 4.66
C ASP A 322 -8.17 -18.32 5.45
N THR A 323 -9.13 -18.99 6.09
CA THR A 323 -8.87 -20.17 6.93
C THR A 323 -8.48 -21.42 6.15
N ASP A 324 -8.92 -21.52 4.88
CA ASP A 324 -8.77 -22.71 4.05
C ASP A 324 -7.68 -22.70 3.01
N TRP A 325 -6.89 -21.62 2.91
CA TRP A 325 -5.85 -21.55 1.89
C TRP A 325 -4.81 -22.66 1.96
N GLN A 326 -4.53 -23.31 0.82
CA GLN A 326 -3.51 -24.35 0.67
C GLN A 326 -2.13 -23.92 1.19
N GLY A 327 -1.81 -22.62 1.08
CA GLY A 327 -0.55 -22.04 1.53
C GLY A 327 -0.48 -21.78 3.03
N GLY A 328 -1.53 -22.19 3.76
CA GLY A 328 -1.69 -22.05 5.19
C GLY A 328 -2.80 -21.10 5.60
N ILE A 329 -3.21 -21.16 6.88
CA ILE A 329 -4.20 -20.24 7.45
C ILE A 329 -3.63 -18.83 7.23
N TYR A 330 -4.39 -17.99 6.52
CA TYR A 330 -3.96 -16.65 6.16
C TYR A 330 -4.84 -15.59 6.78
N ALA A 331 -4.21 -14.68 7.53
CA ALA A 331 -4.89 -13.57 8.18
C ALA A 331 -4.08 -12.30 7.92
N SER A 332 -4.75 -11.22 7.51
CA SER A 332 -4.09 -9.94 7.31
C SER A 332 -4.97 -8.80 7.87
N PRO A 333 -4.37 -7.86 8.65
CA PRO A 333 -5.20 -6.78 9.23
C PRO A 333 -5.59 -5.68 8.24
N THR A 334 -4.74 -5.40 7.26
CA THR A 334 -4.95 -4.34 6.28
C THR A 334 -4.97 -4.88 4.85
N ILE A 335 -4.88 -3.96 3.85
CA ILE A 335 -4.91 -4.29 2.42
C ILE A 335 -3.70 -5.14 1.99
N ALA A 336 -2.49 -4.73 2.36
CA ALA A 336 -1.27 -5.44 1.96
C ALA A 336 -1.07 -6.79 2.65
N GLY A 337 -0.19 -7.59 2.07
CA GLY A 337 0.33 -8.83 2.61
C GLY A 337 1.68 -8.39 3.15
N SER A 338 2.73 -8.55 2.33
CA SER A 338 4.07 -8.05 2.64
C SER A 338 4.04 -6.53 2.71
N ARG A 339 4.77 -5.97 3.68
CA ARG A 339 4.82 -4.52 3.90
C ARG A 339 6.26 -4.07 4.20
N PRO A 340 6.64 -2.81 3.84
CA PRO A 340 7.99 -2.33 4.17
C PRO A 340 8.14 -1.97 5.66
N GLY A 341 8.66 -2.91 6.44
CA GLY A 341 8.89 -2.74 7.87
C GLY A 341 9.77 -1.57 8.24
N GLY A 342 10.70 -1.22 7.33
CA GLY A 342 11.59 -0.08 7.49
C GLY A 342 10.84 1.23 7.66
N ILE A 343 9.71 1.40 6.94
CA ILE A 343 8.85 2.60 7.01
C ILE A 343 8.27 2.79 8.42
N SER A 344 7.77 1.71 9.06
CA SER A 344 7.24 1.73 10.43
C SER A 344 8.34 2.09 11.44
N ALA A 345 9.55 1.55 11.25
CA ALA A 345 10.71 1.87 12.09
C ALA A 345 11.02 3.38 12.04
N ALA A 346 11.05 3.95 10.81
CA ALA A 346 11.30 5.37 10.58
C ALA A 346 10.17 6.25 11.14
N CYS A 347 8.90 5.75 11.15
CA CYS A 347 7.72 6.45 11.72
C CYS A 347 7.86 6.53 13.24
N TRP A 348 8.23 5.40 13.87
CA TRP A 348 8.48 5.30 15.30
C TRP A 348 9.62 6.27 15.67
N ALA A 349 10.69 6.33 14.86
CA ALA A 349 11.82 7.24 15.05
C ALA A 349 11.38 8.70 15.04
N ALA A 350 10.50 9.11 14.09
CA ALA A 350 9.96 10.48 14.00
C ALA A 350 9.18 10.86 15.27
N LEU A 351 8.28 9.97 15.74
CA LEU A 351 7.46 10.19 16.93
C LEU A 351 8.34 10.37 18.17
N MET A 352 9.32 9.48 18.35
CA MET A 352 10.25 9.47 19.47
C MET A 352 11.20 10.65 19.49
N HIS A 353 11.67 11.07 18.30
CA HIS A 353 12.59 12.18 18.11
C HIS A 353 11.95 13.53 18.38
N PHE A 354 10.69 13.73 17.92
CA PHE A 354 9.97 14.99 18.14
C PHE A 354 9.46 15.06 19.57
N GLY A 355 8.78 14.01 20.03
CA GLY A 355 8.16 13.95 21.35
C GLY A 355 7.06 14.99 21.43
N GLU A 356 6.46 15.11 22.61
CA GLU A 356 5.38 16.08 22.84
C GLU A 356 5.86 17.54 22.61
N ASN A 357 7.06 17.89 23.10
CA ASN A 357 7.68 19.22 22.98
C ASN A 357 8.03 19.64 21.53
N GLY A 358 8.56 18.70 20.74
CA GLY A 358 8.91 18.92 19.33
C GLY A 358 7.67 19.16 18.49
N TYR A 359 6.61 18.37 18.72
CA TYR A 359 5.34 18.50 18.00
C TYR A 359 4.59 19.77 18.34
N VAL A 360 4.54 20.14 19.65
CA VAL A 360 3.93 21.38 20.13
C VAL A 360 4.65 22.59 19.50
N GLU A 361 5.99 22.52 19.41
CA GLU A 361 6.83 23.57 18.82
C GLU A 361 6.61 23.70 17.31
N ALA A 362 6.56 22.55 16.59
CA ALA A 362 6.30 22.49 15.15
C ALA A 362 4.89 23.08 14.85
N THR A 363 3.88 22.70 15.67
CA THR A 363 2.50 23.19 15.57
C THR A 363 2.46 24.72 15.78
N LYS A 364 3.12 25.23 16.85
CA LYS A 364 3.22 26.69 17.13
C LYS A 364 3.74 27.44 15.91
N GLN A 365 4.83 26.95 15.30
CA GLN A 365 5.46 27.54 14.11
C GLN A 365 4.56 27.57 12.88
N ILE A 366 3.85 26.47 12.61
CA ILE A 366 2.94 26.35 11.47
C ILE A 366 1.73 27.27 11.64
N ILE A 367 1.10 27.24 12.85
CA ILE A 367 -0.07 28.05 13.18
C ILE A 367 0.22 29.56 13.14
N LYS A 368 1.37 30.00 13.69
CA LYS A 368 1.80 31.40 13.64
C LYS A 368 1.90 31.86 12.18
N THR A 369 2.49 31.01 11.29
CA THR A 369 2.65 31.27 9.86
C THR A 369 1.29 31.34 9.18
N ALA A 370 0.40 30.37 9.46
CA ALA A 370 -0.93 30.32 8.86
C ALA A 370 -1.80 31.52 9.29
N ARG A 371 -1.84 31.84 10.60
CA ARG A 371 -2.61 32.99 11.09
C ARG A 371 -2.12 34.32 10.53
N PHE A 372 -0.79 34.47 10.36
CA PHE A 372 -0.22 35.68 9.81
C PHE A 372 -0.66 35.84 8.35
N LEU A 373 -0.54 34.78 7.53
CA LEU A 373 -0.94 34.81 6.13
C LEU A 373 -2.45 35.03 5.99
N LYS A 374 -3.25 34.32 6.79
CA LYS A 374 -4.71 34.44 6.80
C LYS A 374 -5.14 35.91 6.96
N SER A 375 -4.67 36.60 8.04
CA SER A 375 -5.00 38.00 8.30
C SER A 375 -4.53 38.94 7.19
N GLU A 376 -3.36 38.66 6.61
CA GLU A 376 -2.81 39.46 5.50
C GLU A 376 -3.61 39.24 4.19
N LEU A 377 -3.95 37.97 3.86
CA LEU A 377 -4.71 37.60 2.67
C LEU A 377 -6.16 38.11 2.71
N GLU A 378 -6.70 38.33 3.93
CA GLU A 378 -8.03 38.88 4.17
C GLU A 378 -8.06 40.42 4.02
N ASN A 379 -6.89 41.06 3.73
CA ASN A 379 -6.80 42.51 3.53
C ASN A 379 -6.28 42.89 2.13
N ILE A 380 -6.59 42.06 1.14
CA ILE A 380 -6.18 42.27 -0.25
C ILE A 380 -7.43 42.42 -1.10
N LYS A 381 -7.58 43.60 -1.70
CA LYS A 381 -8.69 43.97 -2.56
C LYS A 381 -8.61 43.14 -3.84
N GLY A 382 -9.68 42.39 -4.12
CA GLY A 382 -9.77 41.53 -5.29
C GLY A 382 -9.87 40.05 -4.99
N ILE A 383 -9.53 39.66 -3.74
CA ILE A 383 -9.59 38.27 -3.27
C ILE A 383 -10.26 38.18 -1.90
N PHE A 384 -10.64 36.96 -1.52
CA PHE A 384 -11.22 36.65 -0.22
C PHE A 384 -10.75 35.25 0.18
N VAL A 385 -10.80 34.94 1.48
CA VAL A 385 -10.46 33.59 1.93
C VAL A 385 -11.75 32.79 2.21
N PHE A 386 -11.79 31.53 1.77
CA PHE A 386 -12.93 30.66 1.99
C PHE A 386 -13.03 30.21 3.43
N GLY A 387 -14.19 30.52 4.03
CA GLY A 387 -14.53 30.17 5.41
C GLY A 387 -13.58 30.71 6.46
N ASN A 388 -13.41 29.94 7.53
CA ASN A 388 -12.53 30.31 8.62
C ASN A 388 -11.46 29.23 8.85
N PRO A 389 -10.38 29.18 8.04
CA PRO A 389 -9.35 28.17 8.26
C PRO A 389 -8.54 28.39 9.54
N GLN A 390 -8.52 27.38 10.42
CA GLN A 390 -7.86 27.48 11.74
C GLN A 390 -6.56 26.69 11.76
N LEU A 391 -6.23 26.06 10.63
CA LEU A 391 -5.06 25.22 10.59
C LEU A 391 -4.03 25.69 9.58
N SER A 392 -3.38 24.78 8.88
CA SER A 392 -2.32 25.06 7.91
C SER A 392 -2.76 25.38 6.48
N VAL A 393 -4.04 25.17 6.14
CA VAL A 393 -4.51 25.37 4.76
C VAL A 393 -5.30 26.66 4.63
N ILE A 394 -5.01 27.46 3.59
CA ILE A 394 -5.75 28.69 3.28
C ILE A 394 -6.17 28.63 1.81
N ALA A 395 -7.48 28.69 1.57
CA ALA A 395 -8.06 28.69 0.23
C ALA A 395 -8.53 30.09 -0.13
N LEU A 396 -8.30 30.49 -1.39
CA LEU A 396 -8.65 31.80 -1.90
C LEU A 396 -9.65 31.75 -3.03
N GLY A 397 -10.47 32.78 -3.12
CA GLY A 397 -11.43 32.97 -4.20
C GLY A 397 -11.41 34.41 -4.67
N SER A 398 -12.23 34.71 -5.69
CA SER A 398 -12.41 36.07 -6.21
C SER A 398 -13.77 36.24 -6.86
N ARG A 399 -14.45 37.33 -6.53
CA ARG A 399 -15.75 37.71 -7.10
C ARG A 399 -15.51 38.80 -8.17
N ASP A 400 -14.28 39.32 -8.25
CA ASP A 400 -13.85 40.39 -9.17
C ASP A 400 -13.14 39.90 -10.43
N PHE A 401 -12.55 38.70 -10.38
CA PHE A 401 -11.82 38.08 -11.50
C PHE A 401 -11.79 36.55 -11.40
N ASP A 402 -11.27 35.87 -12.45
CA ASP A 402 -11.13 34.42 -12.46
C ASP A 402 -9.92 34.08 -11.61
N ILE A 403 -10.13 33.42 -10.45
CA ILE A 403 -9.08 33.03 -9.50
C ILE A 403 -7.89 32.26 -10.11
N TYR A 404 -8.12 31.43 -11.15
CA TYR A 404 -7.05 30.67 -11.81
C TYR A 404 -5.98 31.52 -12.47
N ARG A 405 -6.28 32.82 -12.70
CA ARG A 405 -5.33 33.80 -13.21
C ARG A 405 -4.26 34.08 -12.13
N LEU A 406 -4.64 33.97 -10.83
CA LEU A 406 -3.73 34.15 -9.69
C LEU A 406 -2.77 32.97 -9.58
N SER A 407 -3.28 31.73 -9.71
CA SER A 407 -2.43 30.54 -9.69
C SER A 407 -1.50 30.51 -10.92
N ASN A 408 -1.95 31.07 -12.07
CA ASN A 408 -1.17 31.19 -13.32
C ASN A 408 0.03 32.11 -13.05
N LEU A 409 -0.21 33.26 -12.38
CA LEU A 409 0.86 34.22 -12.06
C LEU A 409 1.80 33.72 -10.97
N MET A 410 1.27 32.93 -10.02
CA MET A 410 2.09 32.33 -8.96
C MET A 410 3.01 31.27 -9.51
N THR A 411 2.54 30.52 -10.54
CA THR A 411 3.33 29.51 -11.25
C THR A 411 4.52 30.17 -11.96
N ALA A 412 4.24 31.31 -12.64
CA ALA A 412 5.23 32.12 -13.36
C ALA A 412 6.28 32.68 -12.39
N LYS A 413 5.92 32.87 -11.10
CA LYS A 413 6.79 33.36 -10.04
C LYS A 413 7.46 32.19 -9.27
N GLY A 414 7.25 30.96 -9.74
CA GLY A 414 7.87 29.77 -9.17
C GLY A 414 7.15 29.03 -8.06
N TRP A 415 5.84 29.32 -7.83
CA TRP A 415 5.04 28.66 -6.79
C TRP A 415 4.12 27.57 -7.35
N ASN A 416 3.90 26.52 -6.57
CA ASN A 416 2.98 25.44 -6.93
C ASN A 416 1.81 25.40 -5.93
N LEU A 417 0.69 26.08 -6.28
CA LEU A 417 -0.53 26.14 -5.46
C LEU A 417 -1.51 25.10 -6.01
N ASN A 418 -2.39 24.57 -5.15
CA ASN A 418 -3.39 23.61 -5.59
C ASN A 418 -4.56 24.33 -6.24
N GLN A 419 -4.99 23.84 -7.40
CA GLN A 419 -6.13 24.38 -8.11
C GLN A 419 -7.31 23.50 -7.77
N LEU A 420 -8.26 24.10 -7.05
CA LEU A 420 -9.46 23.45 -6.57
C LEU A 420 -10.59 23.70 -7.56
N GLN A 421 -11.80 23.24 -7.24
CA GLN A 421 -12.96 23.40 -8.11
C GLN A 421 -14.25 23.23 -7.31
N PHE A 422 -15.38 23.66 -7.91
CA PHE A 422 -16.73 23.57 -7.35
C PHE A 422 -16.81 24.06 -5.87
N PRO A 423 -16.57 25.33 -5.56
CA PRO A 423 -16.36 26.49 -6.44
C PRO A 423 -14.91 26.74 -6.92
N PRO A 424 -14.73 27.54 -8.00
CA PRO A 424 -13.36 27.89 -8.43
C PRO A 424 -12.58 28.48 -7.25
N SER A 425 -11.42 27.88 -6.96
CA SER A 425 -10.59 28.27 -5.83
C SER A 425 -9.20 27.72 -5.99
N ILE A 426 -8.25 28.32 -5.25
CA ILE A 426 -6.85 27.89 -5.18
C ILE A 426 -6.42 27.83 -3.69
N HIS A 427 -5.52 26.93 -3.35
CA HIS A 427 -5.04 26.87 -1.96
C HIS A 427 -3.54 26.68 -1.81
N PHE A 428 -3.04 27.00 -0.60
CA PHE A 428 -1.67 26.79 -0.18
C PHE A 428 -1.72 26.15 1.20
N CYS A 429 -1.00 25.05 1.36
CA CYS A 429 -0.90 24.31 2.61
C CYS A 429 0.50 24.52 3.19
N ILE A 430 0.56 25.12 4.41
CA ILE A 430 1.78 25.44 5.15
C ILE A 430 2.31 24.21 5.90
N THR A 431 3.59 23.87 5.65
CA THR A 431 4.27 22.77 6.34
C THR A 431 5.37 23.38 7.21
N LEU A 432 6.08 22.53 7.97
CA LEU A 432 7.18 22.94 8.84
C LEU A 432 8.36 23.45 8.00
N LEU A 433 8.49 22.96 6.75
CA LEU A 433 9.48 23.39 5.76
C LEU A 433 9.24 24.88 5.46
N HIS A 434 7.97 25.30 5.25
CA HIS A 434 7.59 26.69 4.94
C HIS A 434 7.86 27.60 6.13
N ALA A 435 7.67 27.07 7.35
CA ALA A 435 7.93 27.83 8.56
C ALA A 435 9.46 28.06 8.68
N ARG A 436 10.27 26.97 8.63
CA ARG A 436 11.74 26.97 8.72
C ARG A 436 12.41 27.89 7.69
N LYS A 437 11.99 27.78 6.42
CA LYS A 437 12.53 28.57 5.30
C LYS A 437 12.00 30.00 5.24
N ARG A 438 10.99 30.36 6.09
CA ARG A 438 10.35 31.71 6.20
C ARG A 438 9.83 32.22 4.82
N VAL A 439 9.12 31.35 4.08
CA VAL A 439 8.59 31.63 2.72
C VAL A 439 7.37 32.58 2.66
N ALA A 440 6.67 32.74 3.80
CA ALA A 440 5.46 33.54 3.95
C ALA A 440 5.57 34.99 3.46
N ILE A 441 6.74 35.63 3.71
CA ILE A 441 7.00 37.00 3.25
C ILE A 441 6.93 37.06 1.71
N GLN A 442 7.73 36.22 1.03
CA GLN A 442 7.73 36.16 -0.44
C GLN A 442 6.39 35.73 -1.01
N PHE A 443 5.73 34.76 -0.35
CA PHE A 443 4.41 34.30 -0.77
C PHE A 443 3.44 35.49 -0.79
N LEU A 444 3.41 36.27 0.32
CA LEU A 444 2.56 37.44 0.44
C LEU A 444 2.89 38.53 -0.59
N LYS A 445 4.18 38.81 -0.84
CA LYS A 445 4.62 39.81 -1.83
C LYS A 445 4.18 39.41 -3.23
N ASP A 446 4.35 38.12 -3.59
CA ASP A 446 3.97 37.58 -4.89
C ASP A 446 2.46 37.58 -5.13
N ILE A 447 1.66 37.27 -4.08
CA ILE A 447 0.20 37.29 -4.14
C ILE A 447 -0.23 38.74 -4.41
N ARG A 448 0.25 39.70 -3.58
CA ARG A 448 -0.05 41.13 -3.73
C ARG A 448 0.29 41.65 -5.12
N GLU A 449 1.48 41.33 -5.63
CA GLU A 449 1.93 41.73 -6.97
C GLU A 449 1.01 41.20 -8.04
N SER A 450 0.74 39.88 -8.02
CA SER A 450 -0.14 39.17 -8.97
C SER A 450 -1.56 39.75 -8.98
N VAL A 451 -2.16 39.96 -7.79
CA VAL A 451 -3.51 40.52 -7.64
C VAL A 451 -3.54 41.95 -8.22
N THR A 452 -2.51 42.78 -7.95
CA THR A 452 -2.38 44.14 -8.48
C THR A 452 -2.37 44.12 -10.03
N GLN A 453 -1.55 43.23 -10.63
CA GLN A 453 -1.46 43.05 -12.08
C GLN A 453 -2.84 42.64 -12.66
N ILE A 454 -3.52 41.64 -12.04
CA ILE A 454 -4.83 41.16 -12.48
C ILE A 454 -5.90 42.25 -12.38
N MET A 455 -5.92 43.02 -11.27
CA MET A 455 -6.89 44.10 -11.04
C MET A 455 -6.84 45.25 -12.06
N LYS A 456 -5.76 45.33 -12.88
CA LYS A 456 -5.62 46.33 -13.96
C LYS A 456 -6.59 45.99 -15.13
N ASN A 457 -6.78 44.68 -15.40
CA ASN A 457 -7.67 44.16 -16.43
C ASN A 457 -8.46 42.96 -15.84
N PRO A 458 -9.51 43.21 -15.02
CA PRO A 458 -10.24 42.09 -14.39
C PRO A 458 -11.06 41.20 -15.34
N LYS A 459 -11.48 41.72 -16.50
CA LYS A 459 -12.27 40.98 -17.48
C LYS A 459 -11.40 40.31 -18.58
N ALA A 460 -10.07 40.40 -18.47
CA ALA A 460 -9.13 39.80 -19.43
C ALA A 460 -9.22 38.26 -19.46
N LYS A 461 -8.91 37.64 -20.61
CA LYS A 461 -8.99 36.18 -20.78
C LYS A 461 -7.96 35.39 -19.96
N THR A 462 -8.42 34.29 -19.35
CA THR A 462 -7.58 33.35 -18.59
C THR A 462 -6.95 32.42 -19.61
N THR A 463 -5.62 32.27 -19.53
CA THR A 463 -4.83 31.42 -20.44
C THR A 463 -4.20 30.26 -19.68
N GLY A 464 -3.41 29.46 -20.41
CA GLY A 464 -2.67 28.31 -19.89
C GLY A 464 -3.48 27.27 -19.17
N MET A 465 -2.88 26.69 -18.12
CA MET A 465 -3.46 25.64 -17.29
C MET A 465 -4.69 26.09 -16.52
N GLY A 466 -4.70 27.36 -16.09
CA GLY A 466 -5.82 27.97 -15.38
C GLY A 466 -7.11 27.98 -16.17
N ALA A 467 -7.00 28.16 -17.50
CA ALA A 467 -8.11 28.14 -18.44
C ALA A 467 -8.68 26.70 -18.55
N ILE A 468 -7.78 25.68 -18.52
CA ILE A 468 -8.14 24.26 -18.56
C ILE A 468 -8.95 23.85 -17.34
N TYR A 469 -8.49 24.23 -16.12
CA TYR A 469 -9.18 23.94 -14.85
C TYR A 469 -10.54 24.62 -14.75
N GLY A 470 -10.66 25.81 -15.33
CA GLY A 470 -11.90 26.57 -15.40
C GLY A 470 -12.91 25.90 -16.31
N MET A 471 -12.47 25.53 -17.55
CA MET A 471 -13.30 24.86 -18.57
C MET A 471 -13.79 23.48 -18.06
N ALA A 472 -12.90 22.71 -17.37
CA ALA A 472 -13.19 21.38 -16.83
C ALA A 472 -14.40 21.33 -15.91
N GLN A 473 -14.68 22.44 -15.19
CA GLN A 473 -15.82 22.58 -14.26
C GLN A 473 -17.12 22.90 -14.99
N THR A 474 -17.02 23.67 -16.08
CA THR A 474 -18.17 24.10 -16.89
C THR A 474 -18.67 22.99 -17.82
N THR A 475 -17.76 22.11 -18.31
CA THR A 475 -18.02 20.99 -19.22
C THR A 475 -19.21 20.13 -18.76
N VAL A 476 -20.27 20.11 -19.59
CA VAL A 476 -21.48 19.33 -19.33
C VAL A 476 -21.20 17.82 -19.38
N ASP A 477 -20.32 17.36 -20.31
CA ASP A 477 -19.94 15.96 -20.38
C ASP A 477 -18.79 15.65 -19.42
N ARG A 478 -19.13 15.00 -18.30
CA ARG A 478 -18.17 14.63 -17.25
C ARG A 478 -17.25 13.49 -17.72
N ASN A 479 -17.68 12.73 -18.76
CA ASN A 479 -16.95 11.61 -19.34
C ASN A 479 -15.71 12.05 -20.11
N MET A 480 -15.78 13.25 -20.74
CA MET A 480 -14.64 13.81 -21.45
C MET A 480 -13.50 14.12 -20.46
N VAL A 481 -13.83 14.67 -19.27
CA VAL A 481 -12.89 15.01 -18.18
C VAL A 481 -12.26 13.70 -17.64
N ALA A 482 -13.10 12.64 -17.52
CA ALA A 482 -12.70 11.30 -17.08
C ALA A 482 -11.75 10.64 -18.10
N GLU A 483 -12.01 10.85 -19.41
CA GLU A 483 -11.19 10.34 -20.52
C GLU A 483 -9.82 11.02 -20.56
N LEU A 484 -9.78 12.34 -20.37
CA LEU A 484 -8.53 13.11 -20.34
C LEU A 484 -7.69 12.77 -19.11
N SER A 485 -8.34 12.35 -17.99
CA SER A 485 -7.65 11.94 -16.76
C SER A 485 -6.92 10.62 -16.99
N SER A 486 -7.56 9.67 -17.71
CA SER A 486 -6.96 8.37 -18.08
C SER A 486 -5.78 8.61 -18.99
N VAL A 487 -5.92 9.54 -19.97
CA VAL A 487 -4.86 9.93 -20.91
C VAL A 487 -3.69 10.53 -20.12
N PHE A 488 -3.97 11.36 -19.09
CA PHE A 488 -2.96 11.92 -18.19
C PHE A 488 -2.24 10.78 -17.44
N LEU A 489 -2.99 9.81 -16.90
CA LEU A 489 -2.40 8.67 -16.19
C LEU A 489 -1.52 7.80 -17.11
N ASP A 490 -1.95 7.56 -18.38
CA ASP A 490 -1.17 6.82 -19.37
C ASP A 490 0.14 7.56 -19.68
N SER A 491 0.08 8.90 -19.78
CA SER A 491 1.24 9.76 -20.08
C SER A 491 2.36 9.65 -19.03
N LEU A 492 2.01 9.34 -17.76
CA LEU A 492 2.97 9.18 -16.68
C LEU A 492 3.89 7.97 -16.89
N TYR A 493 3.39 6.91 -17.56
CA TYR A 493 4.15 5.69 -17.84
C TYR A 493 4.87 5.70 -19.20
N SER A 494 4.87 6.86 -19.88
CA SER A 494 5.49 7.05 -21.18
C SER A 494 7.03 7.01 -21.14
N THR A 495 7.63 6.23 -22.06
CA THR A 495 9.09 6.08 -22.24
C THR A 495 9.48 6.51 -23.68
N ASP A 496 8.55 7.20 -24.38
CA ASP A 496 8.74 7.67 -25.76
C ASP A 496 9.70 8.84 -25.86
N LYS B 53 11.55 -6.18 26.84
CA LYS B 53 11.39 -4.84 27.41
C LYS B 53 9.91 -4.40 27.50
N GLU B 54 9.65 -3.22 28.14
CA GLU B 54 8.32 -2.62 28.33
C GLU B 54 7.87 -1.81 27.10
N TYR B 55 6.54 -1.59 26.98
CA TYR B 55 5.90 -0.89 25.87
C TYR B 55 5.82 0.62 26.02
N VAL B 56 6.07 1.35 24.91
CA VAL B 56 5.89 2.81 24.85
C VAL B 56 4.40 2.95 24.55
N LYS B 57 3.63 3.56 25.46
CA LYS B 57 2.18 3.69 25.28
C LYS B 57 1.73 5.14 25.04
N ALA B 58 2.68 6.07 25.07
CA ALA B 58 2.41 7.48 24.89
C ALA B 58 3.63 8.20 24.37
N LEU B 59 3.42 9.35 23.75
CA LEU B 59 4.49 10.19 23.21
C LEU B 59 5.38 10.67 24.36
N PRO B 60 6.71 10.56 24.28
CA PRO B 60 7.54 11.07 25.39
C PRO B 60 7.36 12.57 25.56
N SER B 61 7.41 13.07 26.81
CA SER B 61 7.28 14.49 27.14
C SER B 61 8.33 15.29 26.40
N GLN B 62 9.53 14.73 26.33
CA GLN B 62 10.66 15.33 25.65
C GLN B 62 11.21 14.40 24.59
N GLY B 63 11.29 14.90 23.35
CA GLY B 63 11.82 14.16 22.22
C GLY B 63 13.25 13.71 22.43
N LEU B 64 13.52 12.45 22.07
CA LEU B 64 14.84 11.82 22.19
C LEU B 64 15.74 12.34 21.08
N SER B 65 17.05 12.35 21.33
CA SER B 65 18.01 12.77 20.31
C SER B 65 18.13 11.65 19.25
N SER B 66 18.66 11.99 18.06
CA SER B 66 18.90 11.03 16.98
C SER B 66 19.66 9.79 17.46
N SER B 67 20.74 9.98 18.25
CA SER B 67 21.55 8.86 18.76
C SER B 67 20.80 8.01 19.76
N ALA B 68 19.98 8.65 20.62
CA ALA B 68 19.15 7.96 21.61
C ALA B 68 18.07 7.11 20.90
N VAL B 69 17.48 7.64 19.81
CA VAL B 69 16.46 6.96 19.00
C VAL B 69 17.05 5.70 18.37
N LEU B 70 18.21 5.83 17.70
CA LEU B 70 18.91 4.72 17.06
C LEU B 70 19.37 3.67 18.07
N GLU B 71 19.81 4.10 19.28
CA GLU B 71 20.21 3.19 20.35
C GLU B 71 19.02 2.31 20.76
N LYS B 72 17.84 2.94 20.95
CA LYS B 72 16.59 2.25 21.31
C LYS B 72 16.11 1.29 20.20
N LEU B 73 16.22 1.70 18.91
CA LEU B 73 15.83 0.86 17.76
C LEU B 73 16.67 -0.41 17.63
N LYS B 74 17.95 -0.37 18.07
CA LYS B 74 18.86 -1.52 18.04
C LYS B 74 18.35 -2.64 18.95
N GLU B 75 17.68 -2.27 20.05
CA GLU B 75 17.08 -3.21 20.99
C GLU B 75 15.89 -3.92 20.35
N TYR B 76 15.14 -3.23 19.45
CA TYR B 76 14.00 -3.81 18.72
C TYR B 76 14.56 -4.71 17.61
N SER B 77 15.59 -4.24 16.87
CA SER B 77 16.19 -5.02 15.78
C SER B 77 16.94 -6.27 16.28
N SER B 78 17.50 -6.22 17.49
CA SER B 78 18.22 -7.34 18.08
C SER B 78 17.30 -8.50 18.47
N MET B 79 16.02 -8.22 18.74
CA MET B 79 15.05 -9.27 19.11
C MET B 79 14.50 -10.09 17.92
N ASP B 80 14.76 -9.60 16.68
CA ASP B 80 14.36 -10.25 15.42
C ASP B 80 15.18 -11.52 15.17
N ALA B 81 14.54 -12.56 14.59
CA ALA B 81 15.11 -13.89 14.29
C ALA B 81 16.41 -13.89 13.46
N PHE B 82 17.16 -15.02 13.53
CA PHE B 82 18.43 -15.23 12.83
C PHE B 82 18.24 -15.56 11.33
N TRP B 83 17.53 -14.66 10.60
CA TRP B 83 17.30 -14.81 9.15
C TRP B 83 18.63 -14.77 8.40
N GLN B 84 19.60 -13.97 8.93
CA GLN B 84 20.95 -13.74 8.40
C GLN B 84 21.71 -15.05 8.22
N GLU B 85 21.47 -16.04 9.11
CA GLU B 85 22.08 -17.37 9.07
C GLU B 85 21.42 -18.32 8.02
N GLY B 86 20.32 -17.88 7.41
CA GLY B 86 19.59 -18.60 6.38
C GLY B 86 18.76 -19.78 6.84
N ARG B 87 18.04 -19.63 7.96
CA ARG B 87 17.20 -20.70 8.49
C ARG B 87 15.70 -20.42 8.34
N ALA B 88 15.33 -19.31 7.68
CA ALA B 88 13.95 -18.93 7.42
C ALA B 88 13.60 -19.14 5.92
N SER B 89 12.54 -19.92 5.64
CA SER B 89 12.01 -20.17 4.29
C SER B 89 11.54 -18.83 3.73
N GLY B 90 11.88 -18.52 2.48
CA GLY B 90 11.52 -17.26 1.82
C GLY B 90 11.91 -16.06 2.66
N THR B 91 10.90 -15.21 3.00
CA THR B 91 10.96 -14.02 3.87
C THR B 91 11.92 -12.89 3.43
N VAL B 92 13.22 -13.20 3.30
CA VAL B 92 14.29 -12.31 2.88
C VAL B 92 15.06 -13.02 1.76
N TYR B 93 15.10 -12.38 0.58
CA TYR B 93 15.65 -12.96 -0.66
C TYR B 93 17.14 -12.79 -0.93
N SER B 94 17.77 -11.74 -0.38
CA SER B 94 19.23 -11.52 -0.47
C SER B 94 19.77 -11.17 0.91
N GLY B 95 19.46 -9.96 1.40
CA GLY B 95 19.92 -9.46 2.69
C GLY B 95 21.41 -9.17 2.79
N GLU B 96 22.14 -9.19 1.65
CA GLU B 96 23.58 -8.94 1.56
C GLU B 96 23.89 -7.50 1.92
N GLU B 97 24.91 -7.31 2.81
CA GLU B 97 25.38 -6.03 3.40
C GLU B 97 25.61 -4.88 2.42
N LYS B 98 26.49 -5.08 1.42
CA LYS B 98 26.83 -4.06 0.43
C LYS B 98 25.66 -3.71 -0.49
N LEU B 99 24.76 -4.68 -0.75
CA LEU B 99 23.56 -4.45 -1.56
C LEU B 99 22.63 -3.54 -0.75
N THR B 100 22.41 -3.87 0.54
CA THR B 100 21.56 -3.10 1.46
C THR B 100 22.02 -1.64 1.55
N GLU B 101 23.34 -1.41 1.68
CA GLU B 101 23.93 -0.07 1.77
C GLU B 101 23.60 0.77 0.53
N LEU B 102 23.67 0.15 -0.68
CA LEU B 102 23.32 0.80 -1.94
C LEU B 102 21.81 1.16 -1.99
N LEU B 103 20.93 0.19 -1.68
CA LEU B 103 19.48 0.37 -1.68
C LEU B 103 19.00 1.40 -0.64
N VAL B 104 19.67 1.46 0.53
CA VAL B 104 19.37 2.46 1.57
C VAL B 104 19.74 3.88 1.09
N LYS B 105 20.89 4.01 0.40
CA LYS B 105 21.36 5.27 -0.19
C LYS B 105 20.44 5.72 -1.32
N ALA B 106 19.97 4.76 -2.14
CA ALA B 106 19.04 5.00 -3.25
C ALA B 106 17.69 5.51 -2.72
N TYR B 107 17.19 4.88 -1.64
CA TYR B 107 15.97 5.26 -0.90
C TYR B 107 16.10 6.67 -0.33
N GLY B 108 17.21 6.93 0.37
CA GLY B 108 17.53 8.22 0.98
C GLY B 108 17.55 9.39 0.03
N ASP B 109 18.11 9.18 -1.17
CA ASP B 109 18.17 10.17 -2.25
C ASP B 109 16.77 10.63 -2.71
N PHE B 110 15.73 9.76 -2.50
CA PHE B 110 14.36 10.01 -2.90
C PHE B 110 13.37 9.90 -1.73
N ALA B 111 13.88 9.96 -0.47
CA ALA B 111 13.09 9.85 0.77
C ALA B 111 11.77 10.64 0.79
N TRP B 112 11.78 11.91 0.37
CA TRP B 112 10.60 12.77 0.37
C TRP B 112 9.81 12.81 -0.93
N SER B 113 10.27 12.07 -1.95
CA SER B 113 9.59 12.03 -3.23
C SER B 113 8.29 11.22 -3.11
N ASN B 114 7.23 11.78 -3.71
CA ASN B 114 5.89 11.24 -3.68
C ASN B 114 5.31 11.25 -5.10
N PRO B 115 5.10 10.04 -5.71
CA PRO B 115 4.57 9.99 -7.10
C PRO B 115 3.14 10.51 -7.33
N LEU B 116 2.47 10.98 -6.26
CA LEU B 116 1.15 11.61 -6.31
C LEU B 116 1.31 13.02 -6.97
N HIS B 117 2.56 13.55 -6.95
CA HIS B 117 2.95 14.84 -7.49
C HIS B 117 4.00 14.66 -8.60
N PRO B 118 3.62 14.21 -9.82
CA PRO B 118 4.63 13.99 -10.88
C PRO B 118 5.28 15.28 -11.38
N ASP B 119 4.57 16.42 -11.20
CA ASP B 119 5.04 17.77 -11.56
C ASP B 119 6.18 18.23 -10.64
N ILE B 120 6.13 17.84 -9.34
CA ILE B 120 7.15 18.18 -8.35
C ILE B 120 8.30 17.18 -8.47
N PHE B 121 7.99 15.88 -8.74
CA PHE B 121 9.02 14.85 -8.83
C PHE B 121 9.09 14.18 -10.24
N PRO B 122 9.56 14.90 -11.30
CA PRO B 122 9.62 14.28 -12.64
C PRO B 122 10.69 13.20 -12.79
N GLY B 123 11.70 13.19 -11.92
CA GLY B 123 12.78 12.21 -11.89
C GLY B 123 12.27 10.85 -11.46
N LEU B 124 11.44 10.83 -10.39
CA LEU B 124 10.83 9.62 -9.84
C LEU B 124 9.82 9.05 -10.85
N ARG B 125 9.09 9.93 -11.53
CA ARG B 125 8.11 9.62 -12.56
C ARG B 125 8.84 8.88 -13.71
N LYS B 126 10.06 9.35 -14.07
CA LYS B 126 10.91 8.71 -15.07
C LYS B 126 11.34 7.30 -14.58
N ILE B 127 11.79 7.19 -13.30
CA ILE B 127 12.21 5.94 -12.63
C ILE B 127 11.12 4.86 -12.70
N GLU B 128 9.88 5.22 -12.36
CA GLU B 128 8.75 4.31 -12.34
C GLU B 128 8.31 3.85 -13.74
N ALA B 129 8.37 4.76 -14.73
CA ALA B 129 8.03 4.48 -16.14
C ALA B 129 9.03 3.45 -16.66
N GLU B 130 10.30 3.58 -16.24
CA GLU B 130 11.38 2.67 -16.61
C GLU B 130 11.28 1.31 -15.95
N ILE B 131 10.95 1.22 -14.64
CA ILE B 131 10.79 -0.07 -13.93
C ILE B 131 9.76 -0.94 -14.68
N VAL B 132 8.62 -0.32 -15.04
CA VAL B 132 7.50 -0.93 -15.75
C VAL B 132 7.95 -1.42 -17.15
N ARG B 133 8.68 -0.57 -17.90
CA ARG B 133 9.15 -0.89 -19.25
C ARG B 133 10.16 -2.02 -19.21
N ILE B 134 11.10 -2.00 -18.26
CA ILE B 134 12.08 -3.07 -18.06
C ILE B 134 11.33 -4.42 -17.84
N ALA B 135 10.29 -4.44 -16.97
CA ALA B 135 9.47 -5.62 -16.63
C ALA B 135 8.67 -6.14 -17.81
N CYS B 136 8.01 -5.25 -18.58
CA CYS B 136 7.27 -5.60 -19.80
C CYS B 136 8.21 -6.34 -20.76
N SER B 137 9.45 -5.81 -20.97
CA SER B 137 10.46 -6.42 -21.82
C SER B 137 10.91 -7.78 -21.30
N LEU B 138 11.04 -7.96 -19.96
CA LEU B 138 11.43 -9.26 -19.40
C LEU B 138 10.33 -10.30 -19.63
N PHE B 139 9.05 -9.86 -19.66
CA PHE B 139 7.90 -10.75 -19.91
C PHE B 139 7.48 -10.78 -21.38
N ASN B 140 8.33 -10.21 -22.25
CA ASN B 140 8.18 -10.18 -23.71
C ASN B 140 6.87 -9.56 -24.16
N GLY B 141 6.54 -8.44 -23.55
CA GLY B 141 5.31 -7.71 -23.81
C GLY B 141 5.16 -7.04 -25.16
N GLY B 142 6.19 -6.33 -25.60
CA GLY B 142 6.09 -5.59 -26.85
C GLY B 142 5.62 -4.16 -26.63
N PRO B 143 5.46 -3.35 -27.71
CA PRO B 143 5.07 -1.94 -27.53
C PRO B 143 3.69 -1.67 -26.94
N ASP B 144 2.73 -2.57 -27.15
CA ASP B 144 1.37 -2.41 -26.63
C ASP B 144 1.25 -2.69 -25.13
N SER B 145 2.17 -3.51 -24.59
CA SER B 145 2.18 -3.86 -23.17
C SER B 145 2.47 -2.63 -22.29
N CYS B 146 1.94 -2.66 -21.06
CA CYS B 146 2.07 -1.57 -20.11
C CYS B 146 1.98 -2.13 -18.68
N GLY B 147 2.02 -1.25 -17.70
CA GLY B 147 1.90 -1.66 -16.31
C GLY B 147 1.99 -0.54 -15.30
N CYS B 148 2.02 -0.94 -14.03
CA CYS B 148 2.06 -0.07 -12.86
C CYS B 148 2.97 -0.66 -11.83
N VAL B 149 3.59 0.22 -11.06
CA VAL B 149 4.38 -0.16 -9.90
C VAL B 149 3.35 -0.19 -8.75
N THR B 150 3.41 -1.22 -7.90
CA THR B 150 2.51 -1.40 -6.75
C THR B 150 3.36 -1.60 -5.48
N SER B 151 2.70 -1.66 -4.32
CA SER B 151 3.34 -1.85 -3.02
C SER B 151 3.66 -3.34 -2.70
N GLY B 152 3.17 -4.25 -3.54
CA GLY B 152 3.37 -5.67 -3.29
C GLY B 152 2.49 -6.53 -4.16
N GLY B 153 2.72 -7.84 -4.08
CA GLY B 153 1.99 -8.84 -4.85
C GLY B 153 0.50 -8.79 -4.68
N THR B 154 0.03 -8.58 -3.43
CA THR B 154 -1.39 -8.45 -3.08
C THR B 154 -2.01 -7.33 -3.90
N GLU B 155 -1.39 -6.12 -3.89
CA GLU B 155 -1.87 -4.96 -4.64
C GLU B 155 -1.90 -5.20 -6.16
N SER B 156 -0.86 -5.86 -6.70
CA SER B 156 -0.78 -6.24 -8.11
C SER B 156 -1.94 -7.17 -8.49
N ILE B 157 -2.26 -8.15 -7.63
CA ILE B 157 -3.39 -9.06 -7.84
C ILE B 157 -4.73 -8.31 -7.71
N LEU B 158 -4.91 -7.49 -6.65
CA LEU B 158 -6.13 -6.72 -6.41
C LEU B 158 -6.45 -5.78 -7.57
N MET B 159 -5.43 -5.09 -8.12
CA MET B 159 -5.56 -4.17 -9.25
C MET B 159 -6.06 -4.89 -10.52
N ALA B 160 -5.50 -6.07 -10.82
CA ALA B 160 -5.92 -6.88 -11.98
C ALA B 160 -7.36 -7.35 -11.81
N CYS B 161 -7.69 -7.91 -10.63
CA CYS B 161 -9.06 -8.35 -10.29
C CYS B 161 -10.06 -7.22 -10.40
N LYS B 162 -9.68 -6.00 -9.93
CA LYS B 162 -10.52 -4.83 -9.97
C LYS B 162 -10.75 -4.34 -11.42
N ALA B 163 -9.71 -4.39 -12.26
CA ALA B 163 -9.77 -4.02 -13.67
C ALA B 163 -10.71 -4.97 -14.39
N TYR B 164 -10.56 -6.27 -14.15
CA TYR B 164 -11.40 -7.29 -14.78
C TYR B 164 -12.86 -7.27 -14.31
N ARG B 165 -13.10 -6.85 -13.06
CA ARG B 165 -14.45 -6.69 -12.53
C ARG B 165 -15.19 -5.54 -13.25
N ASP B 166 -14.51 -4.37 -13.39
CA ASP B 166 -15.02 -3.19 -14.07
C ASP B 166 -15.27 -3.43 -15.56
N LEU B 167 -14.44 -4.25 -16.21
CA LEU B 167 -14.63 -4.63 -17.61
C LEU B 167 -15.87 -5.54 -17.70
N ALA B 168 -16.04 -6.48 -16.74
CA ALA B 168 -17.20 -7.38 -16.68
C ALA B 168 -18.53 -6.63 -16.43
N PHE B 169 -18.51 -5.60 -15.54
CA PHE B 169 -19.66 -4.72 -15.23
C PHE B 169 -20.15 -4.04 -16.52
N GLU B 170 -19.20 -3.47 -17.27
CA GLU B 170 -19.43 -2.77 -18.54
C GLU B 170 -20.14 -3.69 -19.56
N LYS B 171 -19.94 -5.02 -19.44
CA LYS B 171 -20.52 -6.05 -20.30
C LYS B 171 -21.86 -6.57 -19.80
N GLY B 172 -22.33 -6.05 -18.66
CA GLY B 172 -23.62 -6.45 -18.09
C GLY B 172 -23.59 -7.54 -17.04
N ILE B 173 -22.39 -8.03 -16.67
CA ILE B 173 -22.23 -9.04 -15.62
C ILE B 173 -22.41 -8.33 -14.27
N LYS B 174 -23.44 -8.72 -13.50
CA LYS B 174 -23.76 -8.12 -12.20
C LYS B 174 -22.81 -8.59 -11.09
N THR B 175 -22.57 -9.90 -11.02
CA THR B 175 -21.65 -10.44 -10.03
C THR B 175 -20.48 -11.18 -10.74
N PRO B 176 -19.43 -10.42 -11.14
CA PRO B 176 -18.30 -11.03 -11.86
C PRO B 176 -17.58 -12.11 -11.06
N GLU B 177 -17.16 -13.18 -11.74
CA GLU B 177 -16.51 -14.31 -11.08
C GLU B 177 -15.05 -14.44 -11.43
N ILE B 178 -14.24 -14.88 -10.45
CA ILE B 178 -12.82 -15.22 -10.61
C ILE B 178 -12.80 -16.75 -10.67
N VAL B 179 -12.21 -17.31 -11.74
CA VAL B 179 -12.01 -18.75 -11.88
C VAL B 179 -10.52 -18.99 -11.72
N ALA B 180 -10.14 -19.59 -10.59
CA ALA B 180 -8.74 -19.80 -10.22
C ALA B 180 -8.47 -21.20 -9.69
N PRO B 181 -7.21 -21.70 -9.81
CA PRO B 181 -6.87 -23.01 -9.20
C PRO B 181 -6.97 -22.94 -7.67
N GLN B 182 -7.14 -24.08 -7.00
CA GLN B 182 -7.20 -24.16 -5.53
C GLN B 182 -5.97 -23.54 -4.87
N SER B 183 -4.82 -23.66 -5.57
CA SER B 183 -3.48 -23.23 -5.16
C SER B 183 -3.22 -21.73 -5.28
N ALA B 184 -4.09 -20.98 -6.01
CA ALA B 184 -3.93 -19.52 -6.24
C ALA B 184 -3.75 -18.76 -4.91
N HIS B 185 -3.03 -17.64 -4.90
CA HIS B 185 -2.74 -16.93 -3.66
C HIS B 185 -4.00 -16.49 -2.90
N ALA B 186 -3.89 -16.41 -1.55
CA ALA B 186 -4.95 -15.94 -0.65
C ALA B 186 -5.49 -14.56 -1.09
N ALA B 187 -4.66 -13.72 -1.75
CA ALA B 187 -4.98 -12.39 -2.28
C ALA B 187 -6.14 -12.41 -3.28
N PHE B 188 -6.34 -13.56 -3.96
CA PHE B 188 -7.50 -13.72 -4.85
C PHE B 188 -8.79 -13.77 -4.04
N ASN B 189 -8.74 -14.30 -2.80
CA ASN B 189 -9.89 -14.31 -1.89
C ASN B 189 -10.12 -12.91 -1.31
N LYS B 190 -9.03 -12.18 -1.03
CA LYS B 190 -9.09 -10.81 -0.55
C LYS B 190 -9.79 -9.94 -1.62
N ALA B 191 -9.50 -10.20 -2.92
CA ALA B 191 -10.09 -9.52 -4.06
C ALA B 191 -11.58 -9.79 -4.18
N ALA B 192 -11.99 -11.05 -3.97
CA ALA B 192 -13.38 -11.46 -4.03
C ALA B 192 -14.16 -10.73 -2.94
N SER B 193 -13.67 -10.80 -1.69
CA SER B 193 -14.23 -10.13 -0.51
C SER B 193 -14.29 -8.59 -0.64
N TYR B 194 -13.18 -7.94 -1.00
CA TYR B 194 -13.13 -6.46 -1.15
C TYR B 194 -14.04 -5.96 -2.28
N PHE B 195 -13.86 -6.51 -3.49
CA PHE B 195 -14.51 -6.05 -4.72
C PHE B 195 -15.89 -6.59 -5.06
N GLY B 196 -16.40 -7.51 -4.25
CA GLY B 196 -17.73 -8.07 -4.48
C GLY B 196 -17.79 -8.99 -5.67
N MET B 197 -16.77 -9.85 -5.79
CA MET B 197 -16.65 -10.84 -6.84
C MET B 197 -16.80 -12.21 -6.23
N LYS B 198 -17.27 -13.16 -7.05
CA LYS B 198 -17.41 -14.55 -6.62
C LYS B 198 -16.09 -15.24 -7.00
N ILE B 199 -15.54 -16.05 -6.09
CA ILE B 199 -14.35 -16.82 -6.38
C ILE B 199 -14.66 -18.32 -6.48
N VAL B 200 -14.34 -18.92 -7.64
CA VAL B 200 -14.49 -20.35 -7.92
C VAL B 200 -13.08 -20.95 -7.93
N ARG B 201 -12.76 -21.78 -6.91
CA ARG B 201 -11.45 -22.42 -6.80
C ARG B 201 -11.49 -23.83 -7.38
N VAL B 202 -10.78 -24.02 -8.48
CA VAL B 202 -10.83 -25.29 -9.18
C VAL B 202 -9.83 -26.33 -8.69
N PRO B 203 -10.19 -27.64 -8.63
CA PRO B 203 -9.23 -28.63 -8.07
C PRO B 203 -7.96 -28.84 -8.89
N LEU B 204 -6.95 -29.45 -8.24
CA LEU B 204 -5.66 -29.75 -8.85
C LEU B 204 -5.56 -31.21 -9.27
N THR B 205 -4.55 -31.52 -10.10
CA THR B 205 -4.22 -32.86 -10.54
C THR B 205 -3.30 -33.45 -9.46
N LYS B 206 -2.87 -34.71 -9.65
CA LYS B 206 -1.96 -35.38 -8.72
C LYS B 206 -0.59 -34.69 -8.68
N MET B 207 -0.26 -33.92 -9.75
CA MET B 207 0.99 -33.19 -9.92
C MET B 207 0.92 -31.73 -9.38
N MET B 208 -0.18 -31.39 -8.67
CA MET B 208 -0.44 -30.09 -8.04
C MET B 208 -0.62 -28.92 -9.02
N GLU B 209 -1.02 -29.24 -10.25
CA GLU B 209 -1.26 -28.28 -11.35
C GLU B 209 -2.78 -28.14 -11.49
N VAL B 210 -3.25 -26.99 -11.98
CA VAL B 210 -4.69 -26.82 -12.21
C VAL B 210 -5.25 -27.91 -13.14
N ASP B 211 -6.44 -28.45 -12.78
CA ASP B 211 -7.15 -29.42 -13.62
C ASP B 211 -7.87 -28.54 -14.64
N VAL B 212 -7.32 -28.52 -15.86
CA VAL B 212 -7.82 -27.75 -16.99
C VAL B 212 -9.25 -28.19 -17.43
N ARG B 213 -9.60 -29.50 -17.27
CA ARG B 213 -10.96 -29.99 -17.56
C ARG B 213 -11.96 -29.36 -16.56
N ALA B 214 -11.60 -29.35 -15.25
CA ALA B 214 -12.42 -28.72 -14.20
C ALA B 214 -12.59 -27.22 -14.44
N MET B 215 -11.52 -26.51 -14.85
CA MET B 215 -11.54 -25.07 -15.17
C MET B 215 -12.48 -24.79 -16.36
N ARG B 216 -12.43 -25.62 -17.41
CA ARG B 216 -13.35 -25.51 -18.55
C ARG B 216 -14.80 -25.66 -18.05
N ARG B 217 -15.05 -26.60 -17.11
CA ARG B 217 -16.41 -26.80 -16.58
C ARG B 217 -16.86 -25.67 -15.67
N ALA B 218 -15.91 -25.02 -14.94
CA ALA B 218 -16.18 -23.90 -14.04
C ALA B 218 -16.49 -22.59 -14.78
N ILE B 219 -15.99 -22.38 -16.02
CA ILE B 219 -16.25 -21.15 -16.81
C ILE B 219 -17.76 -20.93 -17.02
N SER B 220 -18.29 -19.69 -16.95
CA SER B 220 -19.69 -19.33 -17.13
C SER B 220 -19.83 -17.96 -17.76
N ARG B 221 -21.07 -17.50 -18.00
CA ARG B 221 -21.38 -16.18 -18.57
C ARG B 221 -20.96 -15.05 -17.59
N ASN B 222 -20.70 -15.43 -16.31
CA ASN B 222 -20.29 -14.55 -15.21
C ASN B 222 -18.79 -14.40 -15.05
N THR B 223 -18.00 -15.34 -15.63
CA THR B 223 -16.55 -15.34 -15.54
C THR B 223 -15.94 -14.04 -16.06
N ALA B 224 -15.25 -13.32 -15.16
CA ALA B 224 -14.58 -12.05 -15.42
C ALA B 224 -13.11 -12.29 -15.74
N MET B 225 -12.51 -13.37 -15.17
CA MET B 225 -11.10 -13.67 -15.34
C MET B 225 -10.75 -15.11 -15.02
N LEU B 226 -9.66 -15.58 -15.63
CA LEU B 226 -9.05 -16.89 -15.40
C LEU B 226 -7.73 -16.61 -14.72
N VAL B 227 -7.25 -17.55 -13.91
CA VAL B 227 -5.99 -17.36 -13.18
C VAL B 227 -5.13 -18.63 -13.28
N CYS B 228 -3.84 -18.45 -13.29
CA CYS B 228 -2.86 -19.50 -13.10
C CYS B 228 -1.54 -18.93 -12.55
N SER B 229 -0.74 -19.78 -11.91
CA SER B 229 0.45 -19.31 -11.22
C SER B 229 1.74 -19.90 -11.75
N THR B 230 2.78 -19.06 -11.79
CA THR B 230 4.11 -19.41 -12.28
C THR B 230 5.23 -19.10 -11.24
N PRO B 231 5.36 -19.87 -10.14
CA PRO B 231 4.55 -21.03 -9.73
C PRO B 231 3.55 -20.68 -8.61
N GLN B 232 2.69 -21.65 -8.27
CA GLN B 232 1.82 -21.49 -7.12
C GLN B 232 2.72 -21.61 -5.87
N PHE B 233 2.43 -20.82 -4.84
CA PHE B 233 3.22 -20.79 -3.61
C PHE B 233 3.25 -22.12 -2.84
N PRO B 234 2.09 -22.80 -2.57
CA PRO B 234 2.16 -24.04 -1.76
C PRO B 234 3.20 -25.07 -2.20
N HIS B 235 3.14 -25.53 -3.45
CA HIS B 235 4.01 -26.60 -3.97
C HIS B 235 5.09 -26.19 -4.98
N GLY B 236 5.11 -24.92 -5.37
CA GLY B 236 6.12 -24.40 -6.29
C GLY B 236 6.07 -25.02 -7.67
N VAL B 237 4.84 -25.45 -8.06
CA VAL B 237 4.49 -26.07 -9.33
C VAL B 237 3.99 -24.96 -10.29
N ILE B 238 4.43 -25.02 -11.55
CA ILE B 238 4.01 -24.06 -12.58
C ILE B 238 2.73 -24.58 -13.25
N ASP B 239 1.68 -23.76 -13.25
CA ASP B 239 0.41 -24.10 -13.89
C ASP B 239 0.56 -24.13 -15.43
N PRO B 240 -0.22 -24.98 -16.15
CA PRO B 240 -0.08 -25.02 -17.63
C PRO B 240 -0.70 -23.80 -18.33
N VAL B 241 0.05 -22.71 -18.35
CA VAL B 241 -0.31 -21.42 -18.95
C VAL B 241 -0.84 -21.56 -20.39
N PRO B 242 -0.14 -22.24 -21.33
CA PRO B 242 -0.71 -22.36 -22.71
C PRO B 242 -2.07 -23.04 -22.80
N GLU B 243 -2.31 -24.07 -21.97
CA GLU B 243 -3.58 -24.80 -21.91
C GLU B 243 -4.72 -23.94 -21.35
N VAL B 244 -4.43 -23.16 -20.29
CA VAL B 244 -5.38 -22.24 -19.67
C VAL B 244 -5.64 -21.06 -20.66
N ALA B 245 -4.58 -20.60 -21.36
CA ALA B 245 -4.71 -19.52 -22.33
C ALA B 245 -5.59 -19.93 -23.54
N LYS B 246 -5.62 -21.24 -23.87
CA LYS B 246 -6.49 -21.78 -24.93
C LYS B 246 -7.97 -21.57 -24.53
N LEU B 247 -8.30 -21.76 -23.22
CA LEU B 247 -9.64 -21.52 -22.68
C LEU B 247 -9.95 -20.02 -22.71
N ALA B 248 -8.96 -19.20 -22.31
CA ALA B 248 -9.07 -17.74 -22.28
C ALA B 248 -9.40 -17.18 -23.67
N VAL B 249 -8.71 -17.69 -24.71
CA VAL B 249 -8.90 -17.28 -26.11
C VAL B 249 -10.26 -17.71 -26.65
N LYS B 250 -10.62 -19.00 -26.45
CA LYS B 250 -11.89 -19.57 -26.93
C LYS B 250 -13.10 -18.88 -26.31
N TYR B 251 -13.08 -18.72 -25.00
CA TYR B 251 -14.20 -18.12 -24.29
C TYR B 251 -14.14 -16.61 -24.16
N LYS B 252 -13.09 -15.98 -24.74
CA LYS B 252 -12.89 -14.53 -24.74
C LYS B 252 -12.93 -13.93 -23.31
N ILE B 253 -12.17 -14.56 -22.39
CA ILE B 253 -12.07 -14.19 -20.99
C ILE B 253 -10.62 -13.76 -20.70
N PRO B 254 -10.40 -12.65 -19.96
CA PRO B 254 -9.01 -12.27 -19.63
C PRO B 254 -8.31 -13.33 -18.77
N LEU B 255 -7.00 -13.43 -18.92
CA LEU B 255 -6.21 -14.38 -18.13
C LEU B 255 -5.10 -13.64 -17.37
N HIS B 256 -5.12 -13.80 -16.03
CA HIS B 256 -4.08 -13.26 -15.17
C HIS B 256 -3.06 -14.34 -14.81
N VAL B 257 -1.80 -14.06 -15.06
CA VAL B 257 -0.72 -14.96 -14.68
C VAL B 257 -0.06 -14.44 -13.38
N ASP B 258 -0.17 -15.21 -12.30
CA ASP B 258 0.45 -14.80 -11.04
C ASP B 258 1.91 -15.26 -11.00
N ALA B 259 2.84 -14.35 -11.32
CA ALA B 259 4.27 -14.63 -11.27
C ALA B 259 4.89 -13.83 -10.11
N CYS B 260 4.11 -13.54 -9.05
CA CYS B 260 4.60 -12.78 -7.91
C CYS B 260 5.84 -13.44 -7.34
N LEU B 261 5.74 -14.75 -7.07
CA LEU B 261 6.88 -15.51 -6.57
C LEU B 261 7.94 -15.81 -7.65
N GLY B 262 7.55 -16.42 -8.75
CA GLY B 262 8.46 -16.85 -9.81
C GLY B 262 9.09 -15.82 -10.74
N GLY B 263 8.40 -14.69 -10.94
CA GLY B 263 8.77 -13.60 -11.85
C GLY B 263 10.23 -13.39 -12.16
N PHE B 264 11.01 -13.05 -11.14
CA PHE B 264 12.44 -12.75 -11.28
C PHE B 264 13.41 -13.94 -11.24
N LEU B 265 12.85 -15.14 -11.45
CA LEU B 265 13.54 -16.42 -11.64
C LEU B 265 13.15 -16.92 -13.05
N ILE B 266 11.83 -17.10 -13.31
CA ILE B 266 11.29 -17.64 -14.58
C ILE B 266 11.77 -16.97 -15.85
N VAL B 267 11.86 -15.65 -15.77
CA VAL B 267 12.28 -14.75 -16.83
C VAL B 267 13.77 -14.97 -17.19
N PHE B 268 14.57 -15.53 -16.25
CA PHE B 268 16.00 -15.79 -16.43
C PHE B 268 16.37 -17.26 -16.61
N MET B 269 15.38 -18.18 -16.54
CA MET B 269 15.56 -19.64 -16.64
C MET B 269 16.31 -20.12 -17.90
N GLU B 270 15.91 -19.64 -19.08
CA GLU B 270 16.51 -20.00 -20.35
C GLU B 270 17.99 -19.58 -20.44
N LYS B 271 18.29 -18.31 -20.10
CA LYS B 271 19.65 -17.76 -20.09
C LYS B 271 20.55 -18.44 -19.04
N ALA B 272 19.96 -18.96 -17.95
CA ALA B 272 20.69 -19.65 -16.86
C ALA B 272 21.00 -21.10 -17.21
N GLY B 273 20.48 -21.56 -18.33
CA GLY B 273 20.70 -22.94 -18.81
C GLY B 273 19.70 -23.94 -18.28
N TYR B 274 18.57 -23.45 -17.74
CA TYR B 274 17.48 -24.28 -17.25
C TYR B 274 16.18 -23.87 -17.95
N PRO B 275 16.08 -23.97 -19.31
CA PRO B 275 14.84 -23.55 -19.97
C PRO B 275 13.64 -24.35 -19.49
N LEU B 276 12.48 -23.69 -19.41
CA LEU B 276 11.26 -24.36 -18.99
C LEU B 276 10.62 -25.02 -20.20
N GLU B 277 9.81 -26.06 -19.98
CA GLU B 277 9.19 -26.83 -21.07
C GLU B 277 8.18 -26.04 -21.87
N HIS B 278 7.46 -25.11 -21.24
CA HIS B 278 6.45 -24.34 -21.94
C HIS B 278 6.57 -22.84 -21.75
N PRO B 279 6.05 -22.01 -22.70
CA PRO B 279 6.07 -20.56 -22.47
C PRO B 279 5.07 -20.18 -21.35
N PHE B 280 5.26 -19.00 -20.78
CA PHE B 280 4.46 -18.56 -19.63
C PHE B 280 4.12 -17.09 -19.67
N ASP B 281 4.69 -16.32 -20.61
CA ASP B 281 4.56 -14.87 -20.62
C ASP B 281 3.63 -14.25 -21.68
N PHE B 282 3.86 -12.96 -22.04
CA PHE B 282 3.05 -12.23 -23.01
C PHE B 282 3.08 -12.81 -24.44
N ARG B 283 4.04 -13.72 -24.72
CA ARG B 283 4.16 -14.43 -26.00
C ARG B 283 3.03 -15.48 -26.12
N VAL B 284 2.41 -15.86 -24.98
CA VAL B 284 1.27 -16.78 -24.93
C VAL B 284 0.02 -15.95 -25.22
N LYS B 285 -0.65 -16.22 -26.36
CA LYS B 285 -1.88 -15.53 -26.78
C LYS B 285 -3.01 -15.86 -25.79
N GLY B 286 -3.58 -14.81 -25.21
CA GLY B 286 -4.62 -14.94 -24.20
C GLY B 286 -4.23 -14.36 -22.85
N VAL B 287 -2.91 -14.36 -22.54
CA VAL B 287 -2.37 -13.78 -21.29
C VAL B 287 -2.55 -12.27 -21.38
N THR B 288 -3.44 -11.74 -20.54
CA THR B 288 -3.76 -10.30 -20.54
C THR B 288 -3.06 -9.50 -19.43
N SER B 289 -2.68 -10.19 -18.32
CA SER B 289 -1.96 -9.55 -17.20
C SER B 289 -1.02 -10.48 -16.49
N ILE B 290 0.03 -9.91 -15.91
CA ILE B 290 1.05 -10.62 -15.15
C ILE B 290 1.40 -9.78 -13.92
N SER B 291 1.48 -10.44 -12.75
CA SER B 291 1.92 -9.79 -11.50
C SER B 291 3.29 -10.37 -11.21
N ALA B 292 4.26 -9.53 -10.81
CA ALA B 292 5.62 -10.01 -10.52
C ALA B 292 6.21 -9.19 -9.41
N ASP B 293 6.79 -9.86 -8.40
CA ASP B 293 7.35 -9.18 -7.26
C ASP B 293 8.82 -8.88 -7.33
N THR B 294 9.14 -7.59 -7.47
CA THR B 294 10.54 -7.11 -7.45
C THR B 294 11.13 -7.31 -6.05
N HIS B 295 10.29 -7.16 -5.00
CA HIS B 295 10.71 -7.36 -3.60
C HIS B 295 11.09 -8.82 -3.29
N TYR B 297 12.53 -12.15 -5.90
CA TYR B 297 13.77 -12.46 -6.63
C TYR B 297 14.39 -11.32 -7.44
N GLY B 298 13.84 -10.10 -7.32
CA GLY B 298 14.42 -8.91 -7.92
C GLY B 298 15.44 -8.29 -6.97
N TYR B 299 15.43 -8.75 -5.68
CA TYR B 299 16.28 -8.30 -4.57
C TYR B 299 16.04 -6.80 -4.23
N ALA B 300 14.88 -6.28 -4.64
CA ALA B 300 14.46 -4.90 -4.40
C ALA B 300 13.93 -4.80 -2.96
N PRO B 301 13.89 -3.59 -2.37
CA PRO B 301 13.33 -3.45 -1.02
C PRO B 301 11.87 -3.90 -0.91
N LYS B 302 11.43 -4.29 0.29
CA LYS B 302 10.02 -4.62 0.55
C LYS B 302 9.20 -3.37 0.21
N GLY B 303 7.99 -3.57 -0.32
CA GLY B 303 7.10 -2.51 -0.73
C GLY B 303 7.11 -2.22 -2.22
N SER B 304 7.60 -3.16 -3.02
CA SER B 304 7.71 -3.01 -4.49
C SER B 304 7.26 -4.28 -5.25
N SER B 305 6.41 -4.08 -6.26
CA SER B 305 5.88 -5.13 -7.13
C SER B 305 5.35 -4.49 -8.40
N LEU B 306 4.90 -5.32 -9.35
CA LEU B 306 4.39 -4.87 -10.64
C LEU B 306 3.16 -5.62 -11.06
N VAL B 307 2.27 -4.90 -11.73
CA VAL B 307 1.09 -5.43 -12.41
C VAL B 307 1.30 -5.00 -13.88
N LEU B 308 1.38 -5.97 -14.79
CA LEU B 308 1.63 -5.73 -16.20
C LEU B 308 0.43 -6.15 -17.02
N TYR B 309 0.09 -5.37 -18.05
CA TYR B 309 -1.02 -5.71 -18.94
C TYR B 309 -0.55 -5.84 -20.41
N SER B 310 -1.25 -6.68 -21.19
CA SER B 310 -0.92 -6.91 -22.61
C SER B 310 -1.33 -5.69 -23.45
N ASP B 311 -2.27 -4.88 -22.94
CA ASP B 311 -2.82 -3.71 -23.61
C ASP B 311 -3.30 -2.67 -22.60
N LYS B 312 -3.19 -1.38 -22.97
CA LYS B 312 -3.64 -0.21 -22.18
C LYS B 312 -5.14 -0.29 -21.92
N LYS B 313 -5.90 -0.90 -22.84
CA LYS B 313 -7.34 -1.05 -22.72
C LYS B 313 -7.72 -1.79 -21.43
N TYR B 314 -6.88 -2.72 -20.97
CA TYR B 314 -7.11 -3.45 -19.73
C TYR B 314 -6.75 -2.61 -18.50
N ARG B 315 -5.55 -1.99 -18.52
CA ARG B 315 -5.06 -1.15 -17.44
C ARG B 315 -6.00 0.00 -17.08
N ASN B 316 -6.69 0.63 -18.09
CA ASN B 316 -7.64 1.74 -17.88
C ASN B 316 -8.72 1.43 -16.86
N TYR B 317 -9.17 0.16 -16.81
CA TYR B 317 -10.18 -0.29 -15.85
C TYR B 317 -9.66 -0.35 -14.41
N GLN B 318 -8.32 -0.42 -14.19
CA GLN B 318 -7.79 -0.42 -12.82
C GLN B 318 -7.74 1.00 -12.25
N PHE B 319 -7.58 2.02 -13.13
CA PHE B 319 -7.49 3.43 -12.72
C PHE B 319 -8.66 3.92 -11.92
N PHE B 320 -8.38 4.85 -10.99
CA PHE B 320 -9.39 5.54 -10.22
C PHE B 320 -9.39 7.00 -10.65
N VAL B 321 -10.57 7.53 -10.96
CA VAL B 321 -10.73 8.93 -11.36
C VAL B 321 -11.90 9.55 -10.61
N ASP B 322 -11.69 10.75 -10.01
CA ASP B 322 -12.73 11.58 -9.38
C ASP B 322 -12.61 12.94 -10.04
N THR B 323 -13.45 13.15 -11.07
CA THR B 323 -13.44 14.38 -11.87
C THR B 323 -14.02 15.59 -11.15
N ASP B 324 -14.91 15.35 -10.17
CA ASP B 324 -15.67 16.40 -9.48
C ASP B 324 -15.20 16.77 -8.09
N TRP B 325 -14.10 16.20 -7.59
CA TRP B 325 -13.65 16.50 -6.23
C TRP B 325 -13.31 17.96 -6.02
N GLN B 326 -13.84 18.56 -4.93
CA GLN B 326 -13.57 19.94 -4.53
C GLN B 326 -12.06 20.26 -4.41
N GLY B 327 -11.25 19.26 -4.06
CA GLY B 327 -9.81 19.39 -3.91
C GLY B 327 -9.04 19.34 -5.23
N GLY B 328 -9.78 19.28 -6.34
CA GLY B 328 -9.27 19.22 -7.71
C GLY B 328 -9.55 17.91 -8.41
N ILE B 329 -9.42 17.89 -9.76
CA ILE B 329 -9.57 16.67 -10.56
C ILE B 329 -8.55 15.69 -9.98
N TYR B 330 -9.03 14.54 -9.53
CA TYR B 330 -8.20 13.54 -8.88
C TYR B 330 -8.15 12.24 -9.67
N ALA B 331 -6.95 11.81 -10.01
CA ALA B 331 -6.71 10.58 -10.74
C ALA B 331 -5.58 9.83 -10.05
N SER B 332 -5.77 8.52 -9.83
CA SER B 332 -4.73 7.69 -9.23
C SER B 332 -4.67 6.35 -9.94
N PRO B 333 -3.47 5.85 -10.28
CA PRO B 333 -3.41 4.60 -11.04
C PRO B 333 -3.63 3.33 -10.22
N THR B 334 -3.21 3.37 -8.93
CA THR B 334 -3.32 2.23 -8.03
C THR B 334 -4.17 2.54 -6.80
N ILE B 335 -4.10 1.67 -5.77
CA ILE B 335 -4.84 1.78 -4.51
C ILE B 335 -4.45 3.04 -3.74
N ALA B 336 -3.15 3.26 -3.53
CA ALA B 336 -2.66 4.41 -2.75
C ALA B 336 -2.86 5.78 -3.43
N GLY B 337 -2.78 6.83 -2.61
CA GLY B 337 -2.71 8.22 -3.05
C GLY B 337 -1.23 8.50 -2.99
N SER B 338 -0.78 9.05 -1.86
CA SER B 338 0.65 9.26 -1.56
C SER B 338 1.35 7.90 -1.50
N ARG B 339 2.58 7.84 -2.02
CA ARG B 339 3.36 6.62 -2.06
C ARG B 339 4.82 6.88 -1.70
N PRO B 340 5.54 5.91 -1.10
CA PRO B 340 6.98 6.14 -0.80
C PRO B 340 7.87 6.05 -2.04
N GLY B 341 8.15 7.19 -2.66
CA GLY B 341 9.00 7.30 -3.84
C GLY B 341 10.38 6.71 -3.69
N GLY B 342 10.91 6.74 -2.45
CA GLY B 342 12.21 6.16 -2.10
C GLY B 342 12.30 4.68 -2.42
N ILE B 343 11.20 3.92 -2.19
CA ILE B 343 11.08 2.47 -2.47
C ILE B 343 11.29 2.18 -3.97
N SER B 344 10.63 2.97 -4.87
CA SER B 344 10.78 2.87 -6.33
C SER B 344 12.23 3.17 -6.76
N ALA B 345 12.87 4.18 -6.15
CA ALA B 345 14.26 4.53 -6.44
C ALA B 345 15.18 3.33 -6.11
N ALA B 346 14.98 2.71 -4.92
CA ALA B 346 15.75 1.56 -4.48
C ALA B 346 15.49 0.32 -5.35
N CYS B 347 14.26 0.17 -5.91
CA CYS B 347 13.87 -0.92 -6.82
C CYS B 347 14.63 -0.76 -8.15
N TRP B 348 14.65 0.48 -8.69
CA TRP B 348 15.36 0.85 -9.91
C TRP B 348 16.87 0.56 -9.70
N ALA B 349 17.42 0.91 -8.51
CA ALA B 349 18.82 0.65 -8.15
C ALA B 349 19.15 -0.84 -8.17
N ALA B 350 18.29 -1.70 -7.61
CA ALA B 350 18.44 -3.17 -7.60
C ALA B 350 18.50 -3.73 -9.04
N LEU B 351 17.57 -3.32 -9.91
CA LEU B 351 17.49 -3.76 -11.30
C LEU B 351 18.75 -3.38 -12.07
N MET B 352 19.17 -2.13 -11.94
CA MET B 352 20.35 -1.56 -12.60
C MET B 352 21.66 -2.16 -12.13
N HIS B 353 21.77 -2.43 -10.83
CA HIS B 353 22.94 -3.00 -10.18
C HIS B 353 23.15 -4.47 -10.55
N PHE B 354 22.07 -5.27 -10.59
CA PHE B 354 22.15 -6.69 -10.96
C PHE B 354 22.34 -6.85 -12.46
N GLY B 355 21.48 -6.18 -13.25
CA GLY B 355 21.49 -6.32 -14.70
C GLY B 355 21.15 -7.75 -15.10
N GLU B 356 21.19 -8.08 -16.40
CA GLU B 356 20.88 -9.46 -16.83
C GLU B 356 21.87 -10.46 -16.18
N ASN B 357 23.17 -10.15 -16.27
CA ASN B 357 24.25 -11.00 -15.75
C ASN B 357 24.13 -11.38 -14.26
N GLY B 358 23.82 -10.41 -13.40
CA GLY B 358 23.64 -10.64 -11.97
C GLY B 358 22.40 -11.47 -11.67
N TYR B 359 21.29 -11.21 -12.42
CA TYR B 359 20.05 -11.99 -12.25
C TYR B 359 20.17 -13.41 -12.77
N VAL B 360 20.83 -13.61 -13.94
CA VAL B 360 21.09 -14.94 -14.53
C VAL B 360 21.97 -15.76 -13.56
N GLU B 361 22.99 -15.10 -12.95
CA GLU B 361 23.89 -15.72 -11.99
C GLU B 361 23.18 -16.11 -10.69
N ALA B 362 22.33 -15.22 -10.16
CA ALA B 362 21.52 -15.45 -8.97
C ALA B 362 20.55 -16.63 -9.21
N THR B 363 19.90 -16.65 -10.39
CA THR B 363 18.99 -17.73 -10.83
C THR B 363 19.73 -19.08 -10.92
N LYS B 364 20.93 -19.10 -11.57
CA LYS B 364 21.78 -20.31 -11.68
C LYS B 364 22.08 -20.89 -10.29
N GLN B 365 22.46 -20.04 -9.33
CA GLN B 365 22.78 -20.42 -7.96
C GLN B 365 21.59 -21.00 -7.20
N ILE B 366 20.39 -20.38 -7.34
CA ILE B 366 19.15 -20.81 -6.68
C ILE B 366 18.68 -22.15 -7.24
N ILE B 367 18.61 -22.26 -8.59
CA ILE B 367 18.19 -23.49 -9.27
C ILE B 367 19.10 -24.69 -8.97
N LYS B 368 20.44 -24.49 -8.98
CA LYS B 368 21.41 -25.55 -8.63
C LYS B 368 21.14 -26.09 -7.22
N THR B 369 20.87 -25.17 -6.26
CA THR B 369 20.56 -25.48 -4.85
C THR B 369 19.23 -26.23 -4.76
N ALA B 370 18.21 -25.74 -5.49
CA ALA B 370 16.87 -26.30 -5.53
C ALA B 370 16.86 -27.72 -6.11
N ARG B 371 17.53 -27.93 -7.27
CA ARG B 371 17.61 -29.25 -7.90
C ARG B 371 18.36 -30.27 -7.06
N PHE B 372 19.43 -29.82 -6.37
CA PHE B 372 20.21 -30.69 -5.51
C PHE B 372 19.35 -31.19 -4.35
N LEU B 373 18.66 -30.26 -3.66
CA LEU B 373 17.77 -30.59 -2.55
C LEU B 373 16.63 -31.50 -2.98
N LYS B 374 15.97 -31.19 -4.12
CA LYS B 374 14.88 -31.96 -4.70
C LYS B 374 15.28 -33.45 -4.89
N SER B 375 16.37 -33.72 -5.62
CA SER B 375 16.86 -35.09 -5.84
C SER B 375 17.21 -35.82 -4.54
N GLU B 376 17.78 -35.11 -3.58
CA GLU B 376 18.12 -35.68 -2.26
C GLU B 376 16.86 -35.98 -1.42
N LEU B 377 15.88 -35.04 -1.40
CA LEU B 377 14.63 -35.18 -0.65
C LEU B 377 13.72 -36.30 -1.21
N GLU B 378 13.91 -36.61 -2.52
CA GLU B 378 13.19 -37.67 -3.22
C GLU B 378 13.78 -39.07 -2.93
N ASN B 379 14.89 -39.14 -2.14
CA ASN B 379 15.55 -40.41 -1.76
C ASN B 379 15.57 -40.62 -0.24
N ILE B 380 14.53 -40.13 0.45
CA ILE B 380 14.39 -40.27 1.91
C ILE B 380 13.12 -41.07 2.19
N LYS B 381 13.28 -42.26 2.80
CA LYS B 381 12.17 -43.16 3.14
C LYS B 381 11.39 -42.56 4.31
N GLY B 382 10.10 -42.36 4.08
CA GLY B 382 9.19 -41.75 5.04
C GLY B 382 8.55 -40.46 4.55
N ILE B 383 9.14 -39.83 3.51
CA ILE B 383 8.65 -38.59 2.90
C ILE B 383 8.63 -38.67 1.37
N PHE B 384 7.92 -37.74 0.73
CA PHE B 384 7.83 -37.60 -0.72
C PHE B 384 7.73 -36.11 -1.06
N VAL B 385 8.08 -35.72 -2.29
CA VAL B 385 7.91 -34.34 -2.71
C VAL B 385 6.64 -34.19 -3.58
N PHE B 386 5.87 -33.13 -3.32
CA PHE B 386 4.64 -32.86 -4.07
C PHE B 386 4.95 -32.36 -5.47
N GLY B 387 4.42 -33.07 -6.46
CA GLY B 387 4.55 -32.78 -7.89
C GLY B 387 5.97 -32.75 -8.39
N ASN B 388 6.20 -31.89 -9.38
CA ASN B 388 7.52 -31.73 -9.97
C ASN B 388 7.96 -30.24 -9.90
N PRO B 389 8.45 -29.78 -8.72
CA PRO B 389 8.88 -28.37 -8.62
C PRO B 389 10.13 -28.09 -9.46
N GLN B 390 10.01 -27.13 -10.40
CA GLN B 390 11.10 -26.71 -11.29
C GLN B 390 11.77 -25.40 -10.85
N LEU B 391 11.32 -24.81 -9.73
CA LEU B 391 11.89 -23.55 -9.26
C LEU B 391 12.48 -23.65 -7.85
N SER B 392 12.34 -22.60 -7.04
CA SER B 392 12.92 -22.48 -5.70
C SER B 392 12.14 -23.12 -4.55
N VAL B 393 10.89 -23.55 -4.79
CA VAL B 393 10.04 -24.07 -3.71
C VAL B 393 9.93 -25.60 -3.79
N ILE B 394 10.11 -26.28 -2.64
CA ILE B 394 9.95 -27.73 -2.54
C ILE B 394 9.00 -28.02 -1.38
N ALA B 395 7.88 -28.69 -1.68
CA ALA B 395 6.88 -29.08 -0.69
C ALA B 395 7.00 -30.58 -0.41
N LEU B 396 6.86 -30.94 0.86
CA LEU B 396 6.99 -32.33 1.32
C LEU B 396 5.71 -32.84 1.95
N GLY B 397 5.50 -34.14 1.80
CA GLY B 397 4.40 -34.85 2.43
C GLY B 397 4.88 -36.16 3.01
N SER B 398 3.95 -36.90 3.65
CA SER B 398 4.22 -38.23 4.21
C SER B 398 2.95 -39.05 4.27
N ARG B 399 3.05 -40.31 3.80
CA ARG B 399 1.97 -41.28 3.84
C ARG B 399 2.20 -42.24 5.03
N ASP B 400 3.40 -42.15 5.66
CA ASP B 400 3.84 -42.99 6.77
C ASP B 400 3.65 -42.35 8.16
N PHE B 401 3.60 -41.01 8.22
CA PHE B 401 3.45 -40.24 9.46
C PHE B 401 2.81 -38.87 9.22
N ASP B 402 2.49 -38.14 10.32
CA ASP B 402 1.95 -36.79 10.25
C ASP B 402 3.11 -35.85 9.93
N ILE B 403 3.11 -35.26 8.71
CA ILE B 403 4.14 -34.34 8.23
C ILE B 403 4.50 -33.18 9.20
N TYR B 404 3.54 -32.66 9.97
CA TYR B 404 3.76 -31.56 10.92
C TYR B 404 4.76 -31.89 12.03
N ARG B 405 5.02 -33.19 12.27
CA ARG B 405 6.04 -33.62 13.22
C ARG B 405 7.44 -33.29 12.67
N LEU B 406 7.59 -33.28 11.31
CA LEU B 406 8.85 -32.93 10.65
C LEU B 406 9.14 -31.43 10.81
N SER B 407 8.11 -30.58 10.60
CA SER B 407 8.25 -29.13 10.80
C SER B 407 8.47 -28.79 12.28
N ASN B 408 7.90 -29.60 13.21
CA ASN B 408 8.09 -29.43 14.65
C ASN B 408 9.54 -29.72 15.03
N LEU B 409 10.14 -30.77 14.42
CA LEU B 409 11.54 -31.11 14.68
C LEU B 409 12.51 -30.14 14.01
N MET B 410 12.13 -29.59 12.84
CA MET B 410 12.94 -28.60 12.14
C MET B 410 12.97 -27.27 12.90
N THR B 411 11.83 -26.88 13.54
CA THR B 411 11.75 -25.66 14.37
C THR B 411 12.64 -25.80 15.60
N ALA B 412 12.69 -27.03 16.21
CA ALA B 412 13.54 -27.38 17.36
C ALA B 412 15.02 -27.32 16.98
N LYS B 413 15.34 -27.53 15.69
CA LYS B 413 16.70 -27.47 15.13
C LYS B 413 17.03 -26.06 14.57
N GLY B 414 16.12 -25.10 14.80
CA GLY B 414 16.30 -23.71 14.39
C GLY B 414 15.84 -23.29 13.01
N TRP B 415 15.03 -24.11 12.31
CA TRP B 415 14.51 -23.81 10.97
C TRP B 415 13.07 -23.32 11.00
N ASN B 416 12.71 -22.43 10.08
CA ASN B 416 11.34 -21.94 9.94
C ASN B 416 10.80 -22.34 8.56
N LEU B 417 10.09 -23.49 8.49
CA LEU B 417 9.46 -24.00 7.27
C LEU B 417 7.97 -23.58 7.26
N ASN B 418 7.38 -23.44 6.08
CA ASN B 418 5.97 -23.07 5.98
C ASN B 418 5.11 -24.30 6.17
N GLN B 419 4.07 -24.18 7.01
CA GLN B 419 3.11 -25.25 7.26
C GLN B 419 1.92 -24.98 6.37
N LEU B 420 1.72 -25.87 5.41
CA LEU B 420 0.66 -25.80 4.42
C LEU B 420 -0.53 -26.63 4.91
N GLN B 421 -1.58 -26.75 4.08
CA GLN B 421 -2.78 -27.51 4.42
C GLN B 421 -3.57 -27.87 3.18
N PHE B 422 -4.51 -28.84 3.33
CA PHE B 422 -5.39 -29.31 2.25
C PHE B 422 -4.65 -29.61 0.92
N PRO B 423 -3.74 -30.61 0.84
CA PRO B 423 -3.39 -31.62 1.84
C PRO B 423 -2.34 -31.23 2.89
N PRO B 424 -2.24 -31.96 4.04
CA PRO B 424 -1.17 -31.68 5.00
C PRO B 424 0.19 -31.73 4.30
N SER B 425 0.96 -30.63 4.44
CA SER B 425 2.24 -30.48 3.78
C SER B 425 3.05 -29.38 4.44
N ILE B 426 4.37 -29.40 4.18
CA ILE B 426 5.33 -28.39 4.64
C ILE B 426 6.22 -27.99 3.47
N HIS B 427 6.69 -26.74 3.43
CA HIS B 427 7.60 -26.33 2.36
C HIS B 427 8.76 -25.47 2.79
N PHE B 428 9.79 -25.42 1.92
CA PHE B 428 10.95 -24.57 2.06
C PHE B 428 11.18 -23.87 0.74
N CYS B 429 11.34 -22.56 0.78
CA CYS B 429 11.59 -21.74 -0.40
C CYS B 429 13.04 -21.24 -0.34
N ILE B 430 13.83 -21.63 -1.36
CA ILE B 430 15.25 -21.27 -1.51
C ILE B 430 15.43 -19.85 -2.07
N THR B 431 16.22 -19.04 -1.36
CA THR B 431 16.53 -17.67 -1.74
C THR B 431 18.02 -17.58 -2.03
N LEU B 432 18.49 -16.43 -2.54
CA LEU B 432 19.90 -16.20 -2.81
C LEU B 432 20.72 -16.30 -1.50
N LEU B 433 20.08 -15.94 -0.36
CA LEU B 433 20.61 -16.03 1.00
C LEU B 433 20.99 -17.49 1.36
N HIS B 434 20.10 -18.47 1.04
CA HIS B 434 20.32 -19.90 1.29
C HIS B 434 21.46 -20.44 0.41
N ALA B 435 21.62 -19.89 -0.80
CA ALA B 435 22.67 -20.25 -1.76
C ALA B 435 24.02 -19.63 -1.34
N ARG B 436 24.00 -18.38 -0.84
CA ARG B 436 25.20 -17.67 -0.38
C ARG B 436 25.68 -18.23 0.98
N LYS B 437 24.75 -18.40 1.95
CA LYS B 437 25.04 -18.96 3.28
C LYS B 437 25.34 -20.47 3.24
N ARG B 438 25.07 -21.15 2.08
CA ARG B 438 25.30 -22.58 1.82
C ARG B 438 24.76 -23.52 2.93
N VAL B 439 23.46 -23.36 3.23
CA VAL B 439 22.72 -24.09 4.26
C VAL B 439 22.10 -25.42 3.79
N ALA B 440 22.17 -25.70 2.47
CA ALA B 440 21.63 -26.90 1.82
C ALA B 440 22.03 -28.19 2.52
N ILE B 441 23.34 -28.31 2.87
CA ILE B 441 23.94 -29.45 3.55
C ILE B 441 23.28 -29.63 4.92
N GLN B 442 23.27 -28.58 5.77
CA GLN B 442 22.65 -28.64 7.10
C GLN B 442 21.15 -28.91 7.03
N PHE B 443 20.45 -28.28 6.06
CA PHE B 443 19.02 -28.50 5.85
C PHE B 443 18.77 -30.01 5.63
N LEU B 444 19.54 -30.60 4.68
CA LEU B 444 19.45 -32.01 4.34
C LEU B 444 19.77 -32.94 5.53
N LYS B 445 20.83 -32.63 6.32
CA LYS B 445 21.22 -33.41 7.50
C LYS B 445 20.12 -33.40 8.56
N ASP B 446 19.53 -32.21 8.82
CA ASP B 446 18.47 -32.01 9.79
C ASP B 446 17.17 -32.72 9.39
N ILE B 447 16.81 -32.70 8.08
CA ILE B 447 15.64 -33.39 7.55
C ILE B 447 15.84 -34.90 7.77
N ARG B 448 16.98 -35.46 7.32
CA ARG B 448 17.32 -36.88 7.48
C ARG B 448 17.27 -37.33 8.94
N GLU B 449 17.86 -36.54 9.85
CA GLU B 449 17.86 -36.83 11.29
C GLU B 449 16.44 -36.86 11.84
N SER B 450 15.64 -35.81 11.57
CA SER B 450 14.24 -35.67 11.99
C SER B 450 13.37 -36.82 11.50
N VAL B 451 13.48 -37.18 10.20
CA VAL B 451 12.71 -38.27 9.59
C VAL B 451 13.08 -39.61 10.27
N THR B 452 14.38 -39.84 10.53
CA THR B 452 14.87 -41.04 11.22
C THR B 452 14.24 -41.16 12.61
N GLN B 453 14.25 -40.06 13.40
CA GLN B 453 13.64 -39.98 14.72
C GLN B 453 12.13 -40.29 14.66
N ILE B 454 11.40 -39.66 13.72
CA ILE B 454 9.95 -39.86 13.53
C ILE B 454 9.63 -41.31 13.14
N MET B 455 10.41 -41.90 12.20
CA MET B 455 10.21 -43.28 11.73
C MET B 455 10.35 -44.38 12.81
N LYS B 456 10.90 -44.03 14.00
CA LYS B 456 11.03 -44.95 15.14
C LYS B 456 9.63 -45.20 15.77
N ASN B 457 8.78 -44.15 15.80
CA ASN B 457 7.41 -44.19 16.33
C ASN B 457 6.48 -43.44 15.32
N PRO B 458 6.10 -44.08 14.18
CA PRO B 458 5.28 -43.36 13.19
C PRO B 458 3.84 -43.02 13.61
N LYS B 459 3.25 -43.80 14.52
CA LYS B 459 1.88 -43.56 14.99
C LYS B 459 1.79 -42.69 16.25
N ALA B 460 2.93 -42.21 16.77
CA ALA B 460 2.99 -41.34 17.96
C ALA B 460 2.26 -40.01 17.77
N LYS B 461 1.75 -39.44 18.88
CA LYS B 461 1.01 -38.18 18.89
C LYS B 461 1.82 -36.94 18.51
N THR B 462 1.22 -36.10 17.64
CA THR B 462 1.79 -34.83 17.19
C THR B 462 1.48 -33.82 18.28
N THR B 463 2.51 -33.08 18.71
CA THR B 463 2.41 -32.07 19.76
C THR B 463 2.68 -30.65 19.19
N GLY B 464 2.67 -29.66 20.09
CA GLY B 464 2.94 -28.26 19.80
C GLY B 464 2.09 -27.63 18.71
N MET B 465 2.72 -26.74 17.93
CA MET B 465 2.11 -25.99 16.83
C MET B 465 1.65 -26.89 15.68
N GLY B 466 2.40 -27.97 15.42
CA GLY B 466 2.08 -28.96 14.39
C GLY B 466 0.75 -29.65 14.59
N ALA B 467 0.38 -29.87 15.88
CA ALA B 467 -0.89 -30.45 16.30
C ALA B 467 -2.03 -29.47 16.02
N ILE B 468 -1.78 -28.16 16.23
CA ILE B 468 -2.75 -27.07 15.99
C ILE B 468 -3.08 -26.98 14.49
N TYR B 469 -2.05 -26.97 13.61
CA TYR B 469 -2.23 -26.91 12.15
C TYR B 469 -2.96 -28.13 11.59
N GLY B 470 -2.73 -29.29 12.20
CA GLY B 470 -3.39 -30.54 11.84
C GLY B 470 -4.85 -30.52 12.21
N MET B 471 -5.16 -30.11 13.46
CA MET B 471 -6.53 -30.01 13.99
C MET B 471 -7.36 -28.97 13.22
N ALA B 472 -6.74 -27.81 12.86
CA ALA B 472 -7.39 -26.71 12.13
C ALA B 472 -8.01 -27.14 10.80
N GLN B 473 -7.43 -28.16 10.13
CA GLN B 473 -7.89 -28.73 8.86
C GLN B 473 -9.07 -29.66 9.04
N THR B 474 -9.08 -30.41 10.16
CA THR B 474 -10.10 -31.40 10.48
C THR B 474 -11.38 -30.77 11.05
N THR B 475 -11.25 -29.62 11.78
CA THR B 475 -12.34 -28.86 12.41
C THR B 475 -13.50 -28.61 11.44
N VAL B 476 -14.68 -29.16 11.77
CA VAL B 476 -15.90 -29.02 10.97
C VAL B 476 -16.40 -27.55 10.97
N ASP B 477 -16.30 -26.85 12.12
CA ASP B 477 -16.70 -25.45 12.20
C ASP B 477 -15.55 -24.54 11.78
N ARG B 478 -15.64 -24.01 10.56
CA ARG B 478 -14.64 -23.12 9.99
C ARG B 478 -14.68 -21.72 10.61
N ASN B 479 -15.80 -21.40 11.31
CA ASN B 479 -16.00 -20.13 12.01
C ASN B 479 -15.12 -20.03 13.25
N MET B 480 -14.86 -21.17 13.93
CA MET B 480 -13.99 -21.21 15.11
C MET B 480 -12.54 -20.85 14.69
N VAL B 481 -12.07 -21.38 13.51
CA VAL B 481 -10.74 -21.13 12.93
C VAL B 481 -10.64 -19.63 12.54
N ALA B 482 -11.75 -19.08 11.98
CA ALA B 482 -11.89 -17.67 11.60
C ALA B 482 -11.83 -16.75 12.83
N GLU B 483 -12.47 -17.18 13.96
CA GLU B 483 -12.49 -16.46 15.23
C GLU B 483 -11.09 -16.42 15.87
N LEU B 484 -10.37 -17.55 15.86
CA LEU B 484 -9.01 -17.62 16.39
C LEU B 484 -8.01 -16.80 15.56
N SER B 485 -8.30 -16.63 14.24
CA SER B 485 -7.47 -15.82 13.33
C SER B 485 -7.60 -14.33 13.68
N SER B 486 -8.84 -13.87 14.01
CA SER B 486 -9.13 -12.50 14.45
C SER B 486 -8.43 -12.23 15.78
N VAL B 487 -8.46 -13.22 16.71
CA VAL B 487 -7.81 -13.18 18.02
C VAL B 487 -6.30 -13.05 17.81
N PHE B 488 -5.74 -13.80 16.83
CA PHE B 488 -4.32 -13.71 16.46
C PHE B 488 -4.01 -12.29 15.94
N LEU B 489 -4.87 -11.74 15.05
CA LEU B 489 -4.67 -10.38 14.53
C LEU B 489 -4.74 -9.31 15.63
N ASP B 490 -5.67 -9.46 16.61
CA ASP B 490 -5.78 -8.55 17.76
C ASP B 490 -4.51 -8.60 18.61
N SER B 491 -3.95 -9.83 18.81
CA SER B 491 -2.74 -10.07 19.60
C SER B 491 -1.51 -9.32 19.07
N LEU B 492 -1.44 -9.07 17.74
CA LEU B 492 -0.34 -8.34 17.10
C LEU B 492 -0.27 -6.87 17.56
N TYR B 493 -1.43 -6.26 17.87
CA TYR B 493 -1.52 -4.88 18.31
C TYR B 493 -1.49 -4.70 19.85
N SER B 494 -1.21 -5.79 20.58
CA SER B 494 -1.15 -5.83 22.04
C SER B 494 0.03 -5.06 22.61
N THR B 495 -0.23 -4.20 23.63
CA THR B 495 0.77 -3.42 24.35
C THR B 495 0.74 -3.78 25.86
N ASP B 496 0.06 -4.91 26.20
CA ASP B 496 -0.10 -5.40 27.57
C ASP B 496 1.17 -6.01 28.13
#